data_4BG4
#
_entry.id   4BG4
#
_cell.length_a   63.320
_cell.length_b   67.150
_cell.length_c   78.770
_cell.angle_alpha   90.00
_cell.angle_beta   92.12
_cell.angle_gamma   90.00
#
_symmetry.space_group_name_H-M   'P 1 21 1'
#
loop_
_entity.id
_entity.type
_entity.pdbx_description
1 polymer 'ARGININE KINASE'
2 polymer 'ARGININE KINASE'
3 non-polymer "ADENOSINE-5'-DIPHOSPHATE"
4 non-polymer ARGININE
5 non-polymer 'NITRATE ION'
6 non-polymer 'MAGNESIUM ION'
7 non-polymer BETA-MERCAPTOETHANOL
8 water water
#
loop_
_entity_poly.entity_id
_entity_poly.type
_entity_poly.pdbx_seq_one_letter_code
_entity_poly.pdbx_strand_id
1 'polypeptide(L)'
;MADAAVIEKLEAGFKKLEAATDCKSLLKKYLTKEVFDKLKDKKTSLGATLLDVIQSGVENLDSGVGIYAPDAEAYTLFAP
LFDPIIEDYHVGFKQTDKHPNKDFGDVNSFVNVDPEGKFVISTRVRCGRSMQGYPFNPCLTESQYKEMEAKVSSTLSSLE
GELKGTYYPLTGMSKEVQQKLIDDHFLFKEGDRFLQAANS(CSO)RYWPAGRGIYHNDNKTFLVWVNEEDHLRIISMQMG
GDLGQVFRRLTSAVNEIEKRIPFSHHDRLGFLTFCPTNLGTTVRASVHIKLPKLAANREKLEEVAGKYNLQVRGTRGEHT
EAEGGIYDISNKRRMGLTEFQAVKEMQDGILELIKIEKEM
;
A
2 'polypeptide(L)'
;MADAAVIEKLEAGFKKLEAATDCRSLLKKYLTKDVFDKLKDKKTSLGATLLDVIQSGVENLDSGVGIYAPDAEAYTLFAP
LFDPIIEDYHVGFKQTDKHPNKDFGDVNSFVNVDPEGKFVISTRVRCGRSMQGYPFNPCLTESQYKEMEAKVSSTLSSLE
GELKGTYYPLTGMSKEVQQKLIDDHFLFKEGDRFLQAANA(CSO)RYWPAGRGIYHNDNKTFLVWVNEEDHLRIISMQMG
GDLGQVFRRLTSAVNEIEKRIPFSHHDRLGFLTFCPTNLGTTVRASVHIKLPKLAANREKLEEVAGKYNLQVRGTRGEHT
EAEGGIYDISNKRRMGLTEFQAVKEMQDGILELIKIEKEM
;
B
#
loop_
_chem_comp.id
_chem_comp.type
_chem_comp.name
_chem_comp.formula
ADP non-polymer ADENOSINE-5'-DIPHOSPHATE 'C10 H15 N5 O10 P2'
BME non-polymer BETA-MERCAPTOETHANOL 'C2 H6 O S'
MG non-polymer 'MAGNESIUM ION' 'Mg 2'
NO3 non-polymer 'NITRATE ION' 'N O3 -1'
#
# COMPACT_ATOMS: atom_id res chain seq x y z
N MET A 1 0.95 34.92 36.28
CA MET A 1 0.72 33.72 35.49
C MET A 1 0.21 32.55 36.33
N ALA A 2 1.07 31.56 36.51
CA ALA A 2 0.72 30.35 37.27
C ALA A 2 0.31 30.68 38.70
N ASP A 3 -0.77 30.06 39.17
CA ASP A 3 -1.26 30.31 40.54
C ASP A 3 -0.55 29.46 41.59
N ALA A 4 -0.88 29.69 42.87
CA ALA A 4 -0.20 29.01 43.97
C ALA A 4 -0.23 27.47 43.88
N ALA A 5 -1.39 26.92 43.50
CA ALA A 5 -1.52 25.47 43.39
C ALA A 5 -0.58 24.89 42.33
N VAL A 6 -0.56 25.54 41.17
CA VAL A 6 0.30 25.11 40.06
C VAL A 6 1.77 25.23 40.44
N ILE A 7 2.13 26.33 41.10
CA ILE A 7 3.53 26.52 41.51
C ILE A 7 3.96 25.45 42.50
N GLU A 8 3.07 25.11 43.44
CA GLU A 8 3.38 24.04 44.39
C GLU A 8 3.67 22.73 43.67
N LYS A 9 2.79 22.36 42.74
CA LYS A 9 2.97 21.14 41.94
C LYS A 9 4.24 21.17 41.10
N LEU A 10 4.60 22.35 40.58
CA LEU A 10 5.79 22.48 39.75
C LEU A 10 7.04 22.24 40.58
N GLU A 11 7.09 22.85 41.77
CA GLU A 11 8.26 22.70 42.63
C GLU A 11 8.45 21.24 42.98
N ALA A 12 7.34 20.56 43.25
CA ALA A 12 7.36 19.16 43.60
C ALA A 12 7.82 18.32 42.41
N GLY A 13 7.29 18.64 41.22
CA GLY A 13 7.68 17.91 40.03
C GLY A 13 9.14 18.08 39.68
N PHE A 14 9.67 19.30 39.87
CA PHE A 14 11.08 19.53 39.59
C PHE A 14 11.93 18.68 40.53
N LYS A 15 11.54 18.64 41.80
CA LYS A 15 12.24 17.81 42.77
C LYS A 15 12.16 16.33 42.41
N LYS A 16 11.00 15.89 41.93
CA LYS A 16 10.81 14.48 41.58
C LYS A 16 11.71 14.10 40.41
N LEU A 17 11.79 14.98 39.44
CA LEU A 17 12.67 14.78 38.29
C LEU A 17 14.12 14.70 38.73
N GLU A 18 14.55 15.64 39.56
CA GLU A 18 15.95 15.65 40.01
C GLU A 18 16.27 14.36 40.77
N ALA A 19 15.29 13.89 41.53
CA ALA A 19 15.46 12.72 42.37
C ALA A 19 15.39 11.39 41.64
N ALA A 20 14.87 11.41 40.42
CA ALA A 20 14.70 10.18 39.66
C ALA A 20 16.03 9.77 39.02
N THR A 21 16.79 8.96 39.74
CA THR A 21 18.12 8.51 39.35
C THR A 21 18.15 7.68 38.06
N ASP A 22 17.04 7.01 37.75
CA ASP A 22 17.02 6.13 36.58
C ASP A 22 16.32 6.79 35.40
N CYS A 23 15.94 8.04 35.57
CA CYS A 23 15.31 8.80 34.50
C CYS A 23 16.31 9.34 33.47
N LYS A 24 16.03 9.14 32.18
CA LYS A 24 16.90 9.64 31.11
C LYS A 24 16.12 10.44 30.08
N SER A 25 14.99 10.99 30.49
CA SER A 25 14.19 11.79 29.57
C SER A 25 14.89 13.07 29.13
N LEU A 26 14.56 13.55 27.93
CA LEU A 26 15.03 14.85 27.49
C LEU A 26 14.53 15.93 28.44
N LEU A 27 13.34 15.75 29.01
CA LEU A 27 12.82 16.70 30.00
C LEU A 27 13.78 16.86 31.18
N LYS A 28 14.16 15.76 31.82
CA LYS A 28 15.10 15.84 32.94
C LYS A 28 16.44 16.44 32.51
N LYS A 29 16.88 16.16 31.29
CA LYS A 29 18.19 16.61 30.82
C LYS A 29 18.24 18.11 30.67
N TYR A 30 17.15 18.68 30.18
CA TYR A 30 17.15 20.09 29.77
C TYR A 30 16.37 21.04 30.69
N LEU A 31 15.53 20.50 31.56
CA LEU A 31 14.90 21.34 32.58
C LEU A 31 15.88 21.57 33.73
N THR A 32 16.87 22.41 33.47
CA THR A 32 17.82 22.79 34.50
C THR A 32 17.13 23.68 35.52
N LYS A 33 17.74 23.88 36.68
CA LYS A 33 17.20 24.77 37.70
C LYS A 33 17.01 26.17 37.11
N GLU A 34 17.97 26.58 36.29
CA GLU A 34 17.91 27.89 35.64
C GLU A 34 16.71 28.03 34.71
N VAL A 35 16.54 27.07 33.80
CA VAL A 35 15.40 27.08 32.86
C VAL A 35 14.09 26.99 33.64
N PHE A 36 14.05 26.11 34.65
CA PHE A 36 12.88 25.99 35.52
C PHE A 36 12.48 27.32 36.18
N ASP A 37 13.44 27.99 36.80
CA ASP A 37 13.14 29.25 37.49
C ASP A 37 12.67 30.32 36.50
N LYS A 38 13.16 30.24 35.27
CA LYS A 38 12.80 31.21 34.23
C LYS A 38 11.39 31.02 33.73
N LEU A 39 10.94 29.77 33.67
CA LEU A 39 9.68 29.43 33.04
C LEU A 39 8.51 29.15 33.99
N LYS A 40 8.81 28.82 35.25
CA LYS A 40 7.77 28.32 36.15
C LYS A 40 6.59 29.24 36.44
N ASP A 41 6.79 30.55 36.32
CA ASP A 41 5.71 31.50 36.58
C ASP A 41 4.88 31.84 35.34
N LYS A 42 5.30 31.37 34.18
CA LYS A 42 4.64 31.76 32.93
C LYS A 42 3.32 31.03 32.64
N LYS A 43 2.48 31.66 31.82
CA LYS A 43 1.19 31.09 31.45
C LYS A 43 0.79 31.67 30.09
N THR A 44 0.31 30.82 29.17
CA THR A 44 -0.11 31.28 27.85
C THR A 44 -1.47 31.98 27.91
N SER A 45 -1.88 32.55 26.77
CA SER A 45 -3.17 33.21 26.66
C SER A 45 -4.34 32.30 26.99
N LEU A 46 -4.23 31.01 26.65
CA LEU A 46 -5.28 30.05 26.96
C LEU A 46 -5.16 29.55 28.40
N GLY A 47 -4.04 29.89 29.05
CA GLY A 47 -3.84 29.55 30.44
C GLY A 47 -3.01 28.30 30.69
N ALA A 48 -2.22 27.91 29.70
CA ALA A 48 -1.33 26.76 29.85
C ALA A 48 -0.07 27.17 30.58
N THR A 49 0.31 26.39 31.59
CA THR A 49 1.50 26.69 32.38
C THR A 49 2.61 25.71 32.07
N LEU A 50 3.76 25.88 32.71
CA LEU A 50 4.83 24.90 32.58
C LEU A 50 4.36 23.53 33.04
N LEU A 51 3.40 23.47 33.97
CA LEU A 51 2.89 22.17 34.41
C LEU A 51 2.20 21.47 33.26
N ASP A 52 1.42 22.21 32.49
CA ASP A 52 0.73 21.63 31.36
C ASP A 52 1.69 21.12 30.29
N VAL A 53 2.91 21.62 30.30
CA VAL A 53 3.95 21.15 29.39
C VAL A 53 4.66 19.90 29.92
N ILE A 54 5.06 19.93 31.19
CA ILE A 54 5.93 18.87 31.70
C ILE A 54 5.29 17.74 32.47
N GLN A 55 4.01 17.84 32.81
CA GLN A 55 3.42 16.89 33.74
C GLN A 55 3.54 15.45 33.27
N SER A 56 3.43 15.19 31.96
CA SER A 56 3.47 13.81 31.52
C SER A 56 4.82 13.18 31.83
N GLY A 57 5.89 13.97 31.71
CA GLY A 57 7.24 13.52 32.01
C GLY A 57 7.58 13.44 33.49
N VAL A 58 6.88 14.24 34.28
CA VAL A 58 6.97 14.12 35.74
C VAL A 58 6.27 12.84 36.20
N GLU A 59 5.12 12.52 35.61
CA GLU A 59 4.38 11.34 36.02
C GLU A 59 4.98 10.07 35.47
N ASN A 60 5.49 10.16 34.25
CA ASN A 60 6.08 8.99 33.57
C ASN A 60 7.59 9.18 33.48
N LEU A 61 8.28 8.80 34.53
CA LEU A 61 9.71 9.08 34.59
C LEU A 61 10.48 8.35 33.48
N ASP A 62 9.93 7.24 32.97
CA ASP A 62 10.55 6.50 31.89
C ASP A 62 10.27 7.08 30.49
N SER A 63 9.65 8.26 30.44
CA SER A 63 9.48 8.96 29.17
C SER A 63 10.82 9.17 28.48
N GLY A 64 10.81 9.11 27.15
CA GLY A 64 11.99 9.47 26.39
C GLY A 64 12.12 10.96 26.24
N VAL A 65 10.97 11.62 26.11
CA VAL A 65 10.94 13.06 25.89
C VAL A 65 10.33 13.77 27.10
N GLY A 66 9.01 13.58 27.31
CA GLY A 66 8.38 13.97 28.55
C GLY A 66 7.64 15.27 28.56
N ILE A 67 7.57 15.92 27.41
CA ILE A 67 6.80 17.16 27.33
C ILE A 67 5.89 17.16 26.12
N TYR A 68 4.84 17.98 26.21
CA TYR A 68 3.93 18.23 25.10
C TYR A 68 3.59 19.70 25.08
N ALA A 69 3.11 20.20 23.95
CA ALA A 69 2.63 21.58 23.88
C ALA A 69 1.12 21.59 24.10
N PRO A 70 0.65 22.23 25.18
CA PRO A 70 -0.81 22.27 25.36
C PRO A 70 -1.51 23.19 24.35
N ASP A 71 -0.83 24.24 23.91
CA ASP A 71 -1.31 25.09 22.81
C ASP A 71 -0.12 25.46 21.92
N ALA A 72 -0.39 26.13 20.80
CA ALA A 72 0.69 26.51 19.89
C ALA A 72 1.63 27.52 20.55
N GLU A 73 1.06 28.45 21.32
CA GLU A 73 1.85 29.46 22.02
C GLU A 73 2.92 28.86 22.92
N ALA A 74 2.64 27.68 23.47
CA ALA A 74 3.56 27.06 24.44
C ALA A 74 4.93 26.79 23.82
N TYR A 75 4.96 26.51 22.52
CA TYR A 75 6.24 26.28 21.85
C TYR A 75 7.12 27.51 21.97
N THR A 76 6.50 28.68 21.94
CA THR A 76 7.22 29.95 21.99
C THR A 76 7.46 30.42 23.42
N LEU A 77 6.42 30.41 24.25
CA LEU A 77 6.54 30.89 25.62
C LEU A 77 7.53 30.04 26.41
N PHE A 78 7.55 28.73 26.14
CA PHE A 78 8.45 27.79 26.81
C PHE A 78 9.55 27.26 25.90
N ALA A 79 9.91 28.06 24.90
CA ALA A 79 11.01 27.75 23.99
C ALA A 79 12.35 27.41 24.67
N PRO A 80 12.70 28.07 25.81
CA PRO A 80 13.95 27.66 26.48
C PRO A 80 13.97 26.18 26.88
N LEU A 81 12.81 25.54 26.99
CA LEU A 81 12.76 24.10 27.25
C LEU A 81 12.52 23.28 25.96
N PHE A 82 11.54 23.68 25.15
CA PHE A 82 11.29 23.00 23.87
C PHE A 82 12.49 22.98 22.93
N ASP A 83 13.18 24.11 22.80
CA ASP A 83 14.24 24.24 21.80
C ASP A 83 15.39 23.23 21.93
N PRO A 84 16.00 23.10 23.14
CA PRO A 84 17.06 22.11 23.25
C PRO A 84 16.56 20.67 23.14
N ILE A 85 15.34 20.43 23.58
CA ILE A 85 14.75 19.09 23.44
C ILE A 85 14.53 18.76 21.96
N ILE A 86 14.00 19.73 21.21
CA ILE A 86 13.81 19.59 19.78
C ILE A 86 15.15 19.35 19.06
N GLU A 87 16.20 20.08 19.44
CA GLU A 87 17.52 19.91 18.85
C GLU A 87 18.09 18.51 19.10
N ASP A 88 17.90 18.01 20.31
CA ASP A 88 18.39 16.69 20.70
C ASP A 88 17.65 15.61 19.93
N TYR A 89 16.32 15.67 19.99
CA TYR A 89 15.52 14.65 19.33
C TYR A 89 15.69 14.62 17.79
N HIS A 90 15.50 15.77 17.17
N HIS A 90 15.64 15.76 17.12
CA HIS A 90 15.71 15.93 15.74
CA HIS A 90 15.64 15.73 15.67
C HIS A 90 17.14 16.41 15.55
C HIS A 90 17.04 15.72 14.99
N VAL A 91 18.09 15.52 15.78
CA VAL A 91 19.52 15.66 15.49
C VAL A 91 19.85 16.80 14.52
N GLY A 92 20.43 17.88 15.06
CA GLY A 92 20.98 18.96 14.28
C GLY A 92 20.01 20.08 13.97
N PHE A 93 18.83 20.05 14.58
CA PHE A 93 17.89 21.14 14.38
C PHE A 93 18.10 22.22 15.43
N LYS A 94 18.92 23.20 15.07
CA LYS A 94 19.43 24.16 16.04
C LYS A 94 18.44 25.24 16.41
N GLN A 95 18.75 25.98 17.48
CA GLN A 95 17.81 26.93 18.07
C GLN A 95 17.32 28.02 17.12
N THR A 96 18.13 28.36 16.11
CA THR A 96 17.75 29.40 15.15
C THR A 96 17.47 28.84 13.76
N ASP A 97 17.56 27.51 13.62
CA ASP A 97 17.27 26.88 12.35
C ASP A 97 15.78 26.98 12.04
N LYS A 98 15.44 26.94 10.76
CA LYS A 98 14.05 26.89 10.35
C LYS A 98 13.84 25.61 9.56
N HIS A 99 12.73 24.94 9.84
CA HIS A 99 12.39 23.74 9.12
C HIS A 99 12.10 24.11 7.66
N PRO A 100 12.59 23.30 6.71
CA PRO A 100 12.41 23.64 5.28
C PRO A 100 10.97 23.66 4.80
N ASN A 101 10.71 24.37 3.71
CA ASN A 101 9.39 24.41 3.11
C ASN A 101 8.92 23.01 2.69
N LYS A 102 7.61 22.76 2.82
CA LYS A 102 7.03 21.47 2.45
C LYS A 102 7.52 21.03 1.08
N ASP A 103 7.98 19.77 1.00
CA ASP A 103 8.37 19.20 -0.28
C ASP A 103 8.32 17.67 -0.23
N PHE A 104 7.29 17.11 -0.85
N PHE A 104 7.28 17.09 -0.85
CA PHE A 104 7.14 15.67 -0.90
CA PHE A 104 7.16 15.64 -0.93
C PHE A 104 8.04 15.08 -1.99
C PHE A 104 8.20 15.10 -1.91
N GLY A 105 8.62 15.97 -2.81
CA GLY A 105 9.69 15.64 -3.73
C GLY A 105 9.39 14.59 -4.78
N ASP A 106 10.44 13.84 -5.15
CA ASP A 106 10.35 12.84 -6.21
C ASP A 106 9.73 11.54 -5.68
N VAL A 107 8.42 11.57 -5.49
CA VAL A 107 7.67 10.41 -5.02
C VAL A 107 7.97 9.16 -5.86
N ASN A 108 8.16 9.36 -7.16
CA ASN A 108 8.43 8.27 -8.11
C ASN A 108 9.65 7.42 -7.78
N SER A 109 10.61 8.00 -7.07
CA SER A 109 11.91 7.36 -6.89
C SER A 109 11.92 6.27 -5.81
N PHE A 110 10.88 6.23 -4.99
CA PHE A 110 10.81 5.26 -3.89
C PHE A 110 10.52 3.84 -4.35
N VAL A 111 11.16 2.87 -3.70
CA VAL A 111 11.16 1.50 -4.21
C VAL A 111 10.31 0.57 -3.36
N ASN A 112 10.13 -0.65 -3.84
CA ASN A 112 9.63 -1.72 -3.01
C ASN A 112 10.81 -2.27 -2.20
N VAL A 113 10.76 -2.10 -0.89
CA VAL A 113 11.91 -2.46 -0.06
C VAL A 113 12.06 -3.96 0.15
N ASP A 114 11.06 -4.74 -0.28
CA ASP A 114 11.14 -6.20 -0.13
C ASP A 114 10.06 -6.92 -0.95
N PRO A 115 10.30 -7.08 -2.26
CA PRO A 115 9.31 -7.71 -3.14
C PRO A 115 8.93 -9.13 -2.72
N GLU A 116 9.90 -9.93 -2.30
CA GLU A 116 9.65 -11.33 -1.95
C GLU A 116 8.86 -11.47 -0.65
N GLY A 117 9.15 -10.60 0.32
CA GLY A 117 8.41 -10.62 1.56
C GLY A 117 8.99 -11.50 2.65
N LYS A 118 10.29 -11.80 2.56
CA LYS A 118 10.94 -12.57 3.63
C LYS A 118 11.16 -11.73 4.88
N PHE A 119 11.22 -10.41 4.70
CA PHE A 119 11.51 -9.51 5.81
C PHE A 119 10.35 -8.60 6.17
N VAL A 120 9.87 -7.84 5.19
CA VAL A 120 8.85 -6.83 5.44
C VAL A 120 7.42 -7.36 5.27
N ILE A 121 6.60 -7.13 6.29
CA ILE A 121 5.22 -7.59 6.34
C ILE A 121 4.29 -6.53 5.80
N SER A 122 4.54 -5.28 6.18
CA SER A 122 3.72 -4.16 5.75
C SER A 122 4.49 -2.85 5.88
N THR A 123 4.05 -1.85 5.11
CA THR A 123 4.71 -0.56 5.00
C THR A 123 3.66 0.51 5.27
N ARG A 124 4.05 1.56 6.00
CA ARG A 124 3.11 2.57 6.44
C ARG A 124 3.82 3.92 6.48
N VAL A 125 3.16 4.96 5.99
CA VAL A 125 3.64 6.32 6.22
C VAL A 125 2.50 7.17 6.75
N ARG A 126 2.75 7.85 7.87
CA ARG A 126 1.76 8.77 8.41
C ARG A 126 2.31 10.17 8.53
N CYS A 127 1.38 11.14 8.49
N CYS A 127 1.40 11.14 8.57
CA CYS A 127 1.64 12.54 8.83
CA CYS A 127 1.76 12.48 8.96
C CYS A 127 0.68 12.94 9.92
C CYS A 127 0.71 12.95 9.93
N GLY A 128 0.97 14.07 10.58
CA GLY A 128 0.06 14.63 11.55
C GLY A 128 -0.30 16.03 11.13
N ARG A 129 -1.49 16.48 11.48
CA ARG A 129 -1.92 17.84 11.18
C ARG A 129 -2.78 18.41 12.31
N SER A 130 -2.61 19.70 12.57
CA SER A 130 -3.49 20.40 13.48
C SER A 130 -4.37 21.35 12.70
N MET A 131 -5.63 21.45 13.10
CA MET A 131 -6.56 22.37 12.47
C MET A 131 -6.39 23.80 12.99
N GLN A 132 -6.33 24.74 12.06
CA GLN A 132 -6.21 26.16 12.39
C GLN A 132 -7.34 26.56 13.31
N GLY A 133 -7.05 27.34 14.34
CA GLY A 133 -8.09 27.83 15.24
C GLY A 133 -8.42 26.93 16.41
N TYR A 134 -7.66 25.85 16.58
CA TYR A 134 -7.87 24.92 17.68
C TYR A 134 -6.55 24.59 18.36
N PRO A 135 -6.53 24.60 19.70
CA PRO A 135 -5.31 24.25 20.44
C PRO A 135 -5.18 22.74 20.52
N PHE A 136 -4.17 22.26 21.23
CA PHE A 136 -3.97 20.82 21.33
C PHE A 136 -4.79 20.23 22.46
N ASN A 137 -4.76 18.91 22.58
CA ASN A 137 -5.62 18.17 23.53
C ASN A 137 -5.87 18.79 24.91
N PRO A 138 -4.82 19.19 25.65
CA PRO A 138 -5.09 19.65 27.02
C PRO A 138 -5.97 20.91 27.08
N CYS A 139 -6.04 21.65 25.98
CA CYS A 139 -6.80 22.90 25.98
C CYS A 139 -8.10 22.83 25.18
N LEU A 140 -8.41 21.66 24.62
CA LEU A 140 -9.63 21.50 23.84
C LEU A 140 -10.81 21.29 24.76
N THR A 141 -11.95 21.87 24.38
CA THR A 141 -13.20 21.65 25.08
C THR A 141 -13.98 20.53 24.41
N GLU A 142 -14.96 19.97 25.11
CA GLU A 142 -15.83 18.94 24.54
C GLU A 142 -16.53 19.45 23.29
N SER A 143 -16.98 20.70 23.30
N SER A 143 -16.98 20.70 23.30
CA SER A 143 -17.62 21.28 22.13
CA SER A 143 -17.63 21.31 22.14
C SER A 143 -16.68 21.30 20.94
C SER A 143 -16.69 21.33 20.93
N GLN A 144 -15.43 21.67 21.18
CA GLN A 144 -14.44 21.70 20.10
C GLN A 144 -14.15 20.33 19.56
N TYR A 145 -13.99 19.33 20.43
CA TYR A 145 -13.78 17.97 19.94
C TYR A 145 -14.86 17.57 18.95
N LYS A 146 -16.11 17.79 19.32
CA LYS A 146 -17.24 17.41 18.47
C LYS A 146 -17.32 18.24 17.19
N GLU A 147 -17.00 19.52 17.32
CA GLU A 147 -17.02 20.46 16.21
C GLU A 147 -15.98 20.08 15.17
N MET A 148 -14.77 19.75 15.64
CA MET A 148 -13.68 19.31 14.77
C MET A 148 -14.04 17.99 14.08
N GLU A 149 -14.58 17.06 14.85
CA GLU A 149 -15.03 15.78 14.26
C GLU A 149 -16.05 16.01 13.15
N ALA A 150 -17.02 16.91 13.38
CA ALA A 150 -18.04 17.20 12.37
C ALA A 150 -17.44 17.78 11.09
N LYS A 151 -16.48 18.69 11.25
CA LYS A 151 -15.77 19.26 10.11
C LYS A 151 -15.03 18.18 9.33
N VAL A 152 -14.27 17.37 10.04
CA VAL A 152 -13.43 16.34 9.42
C VAL A 152 -14.29 15.33 8.68
N SER A 153 -15.28 14.74 9.36
CA SER A 153 -16.09 13.71 8.72
C SER A 153 -16.84 14.22 7.49
N SER A 154 -17.47 15.38 7.62
CA SER A 154 -18.18 15.98 6.48
C SER A 154 -17.24 16.28 5.32
N THR A 155 -16.06 16.77 5.63
CA THR A 155 -15.00 17.01 4.64
C THR A 155 -14.54 15.74 3.91
N LEU A 156 -14.20 14.70 4.65
CA LEU A 156 -13.60 13.50 4.06
C LEU A 156 -14.62 12.73 3.22
N SER A 157 -15.90 13.02 3.41
CA SER A 157 -16.96 12.35 2.67
C SER A 157 -16.93 12.67 1.19
N SER A 158 -16.21 13.73 0.82
CA SER A 158 -16.16 14.17 -0.58
C SER A 158 -14.94 13.60 -1.29
N LEU A 159 -14.10 12.89 -0.53
CA LEU A 159 -12.91 12.28 -1.13
C LEU A 159 -13.29 11.16 -2.08
N GLU A 160 -12.53 11.01 -3.17
CA GLU A 160 -12.87 10.00 -4.17
C GLU A 160 -11.68 9.14 -4.56
N GLY A 161 -11.90 8.23 -5.50
CA GLY A 161 -10.87 7.29 -5.91
C GLY A 161 -10.47 6.39 -4.75
N GLU A 162 -9.17 6.18 -4.57
CA GLU A 162 -8.67 5.29 -3.53
C GLU A 162 -8.87 5.89 -2.15
N LEU A 163 -9.14 7.19 -2.14
CA LEU A 163 -9.36 7.90 -0.89
C LEU A 163 -10.81 7.84 -0.43
N LYS A 164 -11.71 7.35 -1.29
CA LYS A 164 -13.13 7.28 -0.95
C LYS A 164 -13.34 6.30 0.20
N GLY A 165 -14.15 6.69 1.18
CA GLY A 165 -14.30 5.86 2.36
C GLY A 165 -15.39 6.33 3.29
N THR A 166 -15.30 5.89 4.53
CA THR A 166 -16.34 6.07 5.52
C THR A 166 -15.75 6.51 6.87
N TYR A 167 -16.44 7.44 7.54
CA TYR A 167 -16.06 7.83 8.91
C TYR A 167 -16.74 6.95 9.94
N TYR A 168 -15.95 6.43 10.87
CA TYR A 168 -16.48 5.59 11.94
C TYR A 168 -16.13 6.23 13.29
N PRO A 169 -17.12 6.90 13.91
CA PRO A 169 -16.83 7.50 15.22
C PRO A 169 -16.59 6.43 16.30
N LEU A 170 -15.75 6.72 17.30
CA LEU A 170 -15.61 5.77 18.40
C LEU A 170 -16.89 5.70 19.21
N THR A 171 -17.63 6.81 19.25
CA THR A 171 -18.87 6.87 20.03
C THR A 171 -19.93 6.02 19.34
N GLY A 172 -20.24 4.88 19.95
CA GLY A 172 -21.19 3.93 19.37
C GLY A 172 -20.54 2.78 18.64
N MET A 173 -19.23 2.84 18.45
CA MET A 173 -18.54 1.80 17.70
C MET A 173 -18.66 0.46 18.38
N SER A 174 -18.93 -0.59 17.61
CA SER A 174 -18.86 -1.95 18.11
C SER A 174 -17.57 -2.19 18.89
N LYS A 175 -17.68 -2.70 20.11
CA LYS A 175 -16.48 -2.97 20.91
C LYS A 175 -15.61 -4.03 20.24
N GLU A 176 -16.25 -4.97 19.57
CA GLU A 176 -15.51 -6.07 18.93
C GLU A 176 -14.72 -5.57 17.74
N VAL A 177 -15.36 -4.74 16.93
CA VAL A 177 -14.70 -4.14 15.78
C VAL A 177 -13.59 -3.21 16.23
N GLN A 178 -13.84 -2.43 17.29
CA GLN A 178 -12.82 -1.52 17.81
C GLN A 178 -11.56 -2.27 18.21
N GLN A 179 -11.69 -3.33 19.01
CA GLN A 179 -10.50 -4.04 19.39
C GLN A 179 -9.82 -4.72 18.19
N LYS A 180 -10.60 -5.22 17.23
CA LYS A 180 -10.01 -5.86 16.06
C LYS A 180 -9.26 -4.86 15.18
N LEU A 181 -9.81 -3.65 15.04
CA LEU A 181 -9.11 -2.59 14.30
C LEU A 181 -7.81 -2.21 14.99
N ILE A 182 -7.78 -2.27 16.32
CA ILE A 182 -6.55 -2.00 17.04
C ILE A 182 -5.56 -3.14 16.86
N ASP A 183 -6.02 -4.36 17.11
CA ASP A 183 -5.18 -5.54 16.93
C ASP A 183 -4.60 -5.64 15.51
N ASP A 184 -5.40 -5.22 14.52
CA ASP A 184 -4.99 -5.29 13.11
C ASP A 184 -4.13 -4.09 12.69
N HIS A 185 -3.77 -3.25 13.67
CA HIS A 185 -2.78 -2.19 13.49
C HIS A 185 -3.31 -0.95 12.76
N PHE A 186 -4.63 -0.80 12.73
CA PHE A 186 -5.24 0.29 11.97
C PHE A 186 -5.68 1.46 12.83
N LEU A 187 -6.26 1.14 13.98
CA LEU A 187 -6.86 2.15 14.87
C LEU A 187 -5.98 2.39 16.06
N PHE A 188 -5.96 3.63 16.53
CA PHE A 188 -5.16 4.00 17.72
C PHE A 188 -5.65 3.30 18.97
N LYS A 189 -4.73 3.06 19.90
CA LYS A 189 -5.07 2.60 21.24
C LYS A 189 -5.96 3.62 21.93
N GLU A 190 -6.80 3.16 22.85
N GLU A 190 -6.77 3.14 22.86
CA GLU A 190 -7.59 4.10 23.63
CA GLU A 190 -7.59 4.03 23.68
C GLU A 190 -6.68 4.79 24.64
C GLU A 190 -6.67 4.78 24.65
N GLY A 191 -5.87 5.72 24.13
CA GLY A 191 -4.90 6.43 24.94
C GLY A 191 -3.80 5.53 25.49
N ASP A 192 -2.86 6.14 26.19
CA ASP A 192 -1.87 5.43 26.98
C ASP A 192 -1.53 6.30 28.18
N ARG A 193 -0.64 5.85 29.05
CA ARG A 193 -0.35 6.60 30.27
C ARG A 193 0.37 7.91 30.00
N PHE A 194 1.10 7.98 28.88
CA PHE A 194 1.81 9.20 28.53
C PHE A 194 0.83 10.29 28.14
N LEU A 195 -0.17 9.91 27.35
CA LEU A 195 -1.23 10.83 26.94
C LEU A 195 -2.14 11.18 28.10
N GLN A 196 -2.49 10.18 28.91
CA GLN A 196 -3.34 10.44 30.10
C GLN A 196 -2.71 11.49 30.99
N ALA A 197 -1.43 11.36 31.25
CA ALA A 197 -0.74 12.26 32.18
C ALA A 197 -0.60 13.65 31.60
N ALA A 198 -0.74 13.76 30.28
CA ALA A 198 -0.69 15.06 29.61
C ALA A 198 -2.07 15.72 29.51
N ASN A 199 -3.07 15.11 30.15
CA ASN A 199 -4.47 15.53 30.06
C ASN A 199 -4.91 15.56 28.60
N SER A 200 -4.52 14.53 27.88
CA SER A 200 -4.74 14.46 26.45
C SER A 200 -5.91 13.56 26.06
N CSO A 201 -6.54 12.92 27.04
CA CSO A 201 -7.71 12.10 26.74
CB CSO A 201 -7.47 10.63 27.12
SG CSO A 201 -5.91 10.04 26.37
C CSO A 201 -9.01 12.60 27.34
O CSO A 201 -9.93 11.81 27.61
OD CSO A 201 -6.29 8.99 25.01
N ARG A 202 -9.12 13.90 27.56
CA ARG A 202 -10.33 14.45 28.19
C ARG A 202 -11.56 14.23 27.32
N TYR A 203 -12.68 13.92 27.98
CA TYR A 203 -13.98 13.74 27.33
C TYR A 203 -14.09 12.51 26.45
N TRP A 204 -13.10 11.61 26.52
CA TRP A 204 -13.08 10.39 25.72
C TRP A 204 -14.42 9.65 25.85
N PRO A 205 -14.99 9.18 24.73
N PRO A 205 -14.98 9.18 24.72
CA PRO A 205 -14.43 9.23 23.38
CA PRO A 205 -14.43 9.23 23.37
C PRO A 205 -15.08 10.28 22.48
C PRO A 205 -15.06 10.30 22.48
N ALA A 206 -15.57 11.38 23.06
CA ALA A 206 -16.28 12.39 22.25
C ALA A 206 -15.35 13.02 21.22
N GLY A 207 -15.79 13.05 19.96
CA GLY A 207 -15.03 13.67 18.89
C GLY A 207 -13.91 12.82 18.33
N ARG A 208 -13.79 11.59 18.81
CA ARG A 208 -12.73 10.68 18.35
C ARG A 208 -13.28 9.69 17.35
N GLY A 209 -12.48 9.31 16.38
CA GLY A 209 -12.93 8.34 15.39
C GLY A 209 -11.87 8.02 14.35
N ILE A 210 -12.23 7.14 13.42
CA ILE A 210 -11.34 6.78 12.31
C ILE A 210 -12.11 6.78 11.00
N TYR A 211 -11.52 7.43 9.99
CA TYR A 211 -12.02 7.32 8.62
C TYR A 211 -11.14 6.31 7.94
N HIS A 212 -11.73 5.45 7.11
CA HIS A 212 -10.91 4.60 6.25
C HIS A 212 -11.63 4.12 5.02
N ASN A 213 -10.84 3.83 3.98
CA ASN A 213 -11.39 3.15 2.82
C ASN A 213 -11.65 1.69 3.15
N ASP A 214 -12.38 1.00 2.28
CA ASP A 214 -12.83 -0.35 2.60
C ASP A 214 -11.66 -1.33 2.79
N ASN A 215 -10.60 -1.17 2.00
CA ASN A 215 -9.48 -2.11 2.07
C ASN A 215 -8.41 -1.70 3.10
N LYS A 216 -8.73 -0.66 3.86
CA LYS A 216 -7.86 -0.16 4.94
C LYS A 216 -6.41 0.07 4.50
N THR A 217 -6.28 0.80 3.39
CA THR A 217 -4.99 1.26 2.91
C THR A 217 -4.86 2.78 3.06
N PHE A 218 -5.99 3.44 3.33
CA PHE A 218 -5.97 4.85 3.63
C PHE A 218 -6.87 5.11 4.82
N LEU A 219 -6.33 5.79 5.82
CA LEU A 219 -7.03 6.00 7.09
C LEU A 219 -6.72 7.37 7.65
N VAL A 220 -7.68 7.92 8.39
CA VAL A 220 -7.47 9.20 9.08
C VAL A 220 -7.93 9.03 10.51
N TRP A 221 -7.01 9.19 11.45
CA TRP A 221 -7.39 9.23 12.87
C TRP A 221 -7.84 10.63 13.25
N VAL A 222 -8.95 10.70 13.97
CA VAL A 222 -9.50 11.98 14.38
C VAL A 222 -9.44 12.12 15.90
N ASN A 223 -8.68 13.12 16.34
CA ASN A 223 -8.59 13.52 17.74
C ASN A 223 -8.01 12.49 18.72
N GLU A 224 -7.01 11.73 18.27
CA GLU A 224 -6.20 10.98 19.20
C GLU A 224 -5.14 11.95 19.72
N GLU A 225 -3.87 11.65 19.49
CA GLU A 225 -2.79 12.52 19.96
C GLU A 225 -2.81 13.88 19.26
N ASP A 226 -3.08 13.86 17.96
CA ASP A 226 -3.18 15.06 17.14
C ASP A 226 -4.58 15.16 16.56
N HIS A 227 -4.94 16.35 16.10
CA HIS A 227 -6.26 16.55 15.53
C HIS A 227 -6.48 15.54 14.43
N LEU A 228 -5.48 15.42 13.55
N LEU A 228 -5.49 15.42 13.55
CA LEU A 228 -5.52 14.46 12.45
CA LEU A 228 -5.51 14.47 12.45
C LEU A 228 -4.23 13.69 12.36
C LEU A 228 -4.22 13.68 12.36
N ARG A 229 -4.35 12.38 12.13
CA ARG A 229 -3.24 11.59 11.60
C ARG A 229 -3.71 11.05 10.26
N ILE A 230 -2.95 11.35 9.22
CA ILE A 230 -3.29 10.92 7.88
C ILE A 230 -2.34 9.77 7.51
N ILE A 231 -2.92 8.62 7.21
CA ILE A 231 -2.18 7.35 7.17
C ILE A 231 -2.40 6.59 5.86
N SER A 232 -1.30 6.16 5.25
CA SER A 232 -1.34 5.26 4.12
C SER A 232 -0.57 4.01 4.52
N MET A 233 -1.13 2.83 4.27
CA MET A 233 -0.42 1.60 4.62
C MET A 233 -0.93 0.44 3.76
N GLN A 234 -0.08 -0.55 3.56
CA GLN A 234 -0.54 -1.79 2.93
C GLN A 234 0.42 -2.89 3.26
N MET A 235 -0.03 -4.14 3.07
CA MET A 235 0.83 -5.31 3.19
C MET A 235 1.88 -5.22 2.11
N GLY A 236 3.06 -5.75 2.41
CA GLY A 236 4.16 -5.76 1.47
C GLY A 236 5.10 -4.58 1.62
N GLY A 237 5.98 -4.39 0.64
CA GLY A 237 7.04 -3.42 0.79
C GLY A 237 6.99 -2.21 -0.12
N ASP A 238 5.85 -1.95 -0.76
CA ASP A 238 5.81 -0.90 -1.78
C ASP A 238 5.71 0.50 -1.16
N LEU A 239 6.85 1.01 -0.71
CA LEU A 239 6.94 2.32 -0.10
C LEU A 239 6.52 3.37 -1.12
N GLY A 240 6.84 3.14 -2.39
CA GLY A 240 6.45 4.06 -3.45
C GLY A 240 4.95 4.28 -3.54
N GLN A 241 4.19 3.20 -3.59
CA GLN A 241 2.74 3.31 -3.69
C GLN A 241 2.19 3.91 -2.40
N VAL A 242 2.76 3.50 -1.28
CA VAL A 242 2.28 3.97 0.01
C VAL A 242 2.44 5.47 0.13
N PHE A 243 3.61 5.97 -0.27
CA PHE A 243 3.89 7.39 -0.15
C PHE A 243 3.15 8.19 -1.20
N ARG A 244 3.02 7.65 -2.41
CA ARG A 244 2.21 8.27 -3.44
C ARG A 244 0.77 8.50 -2.95
N ARG A 245 0.19 7.48 -2.33
CA ARG A 245 -1.18 7.60 -1.83
C ARG A 245 -1.27 8.59 -0.68
N LEU A 246 -0.32 8.56 0.25
CA LEU A 246 -0.31 9.54 1.34
C LEU A 246 -0.24 10.98 0.82
N THR A 247 0.65 11.23 -0.14
CA THR A 247 0.81 12.58 -0.71
C THR A 247 -0.49 13.09 -1.31
N SER A 248 -1.16 12.25 -2.09
N SER A 248 -1.15 12.26 -2.10
CA SER A 248 -2.44 12.63 -2.68
CA SER A 248 -2.45 12.60 -2.69
C SER A 248 -3.45 12.97 -1.60
C SER A 248 -3.48 12.95 -1.62
N ALA A 249 -3.50 12.16 -0.56
CA ALA A 249 -4.43 12.36 0.54
C ALA A 249 -4.19 13.68 1.26
N VAL A 250 -2.93 13.94 1.58
CA VAL A 250 -2.57 15.18 2.25
C VAL A 250 -2.98 16.38 1.39
N ASN A 251 -2.67 16.32 0.10
CA ASN A 251 -2.98 17.42 -0.80
C ASN A 251 -4.49 17.66 -0.90
N GLU A 252 -5.28 16.60 -0.97
CA GLU A 252 -6.72 16.75 -1.11
C GLU A 252 -7.34 17.25 0.18
N ILE A 253 -6.85 16.75 1.31
CA ILE A 253 -7.43 17.11 2.59
C ILE A 253 -7.17 18.57 2.95
N GLU A 254 -5.99 19.07 2.64
CA GLU A 254 -5.69 20.45 3.01
C GLU A 254 -6.45 21.47 2.15
N LYS A 255 -6.90 21.04 0.97
CA LYS A 255 -7.80 21.86 0.16
C LYS A 255 -9.14 22.07 0.88
N ARG A 256 -9.43 21.21 1.85
CA ARG A 256 -10.71 21.22 2.54
C ARG A 256 -10.60 21.56 4.03
N ILE A 257 -9.42 21.35 4.61
CA ILE A 257 -9.21 21.69 6.02
C ILE A 257 -7.91 22.47 6.22
N PRO A 258 -8.02 23.74 6.60
CA PRO A 258 -6.86 24.59 6.85
C PRO A 258 -6.03 24.02 7.99
N PHE A 259 -4.71 23.87 7.77
CA PHE A 259 -3.85 23.29 8.80
C PHE A 259 -2.88 24.30 9.36
N SER A 260 -2.46 24.11 10.61
CA SER A 260 -1.52 25.01 11.29
C SER A 260 -0.08 24.74 10.89
N HIS A 261 0.56 25.74 10.28
CA HIS A 261 1.96 25.67 9.90
C HIS A 261 2.71 26.83 10.58
N HIS A 262 3.98 26.60 10.88
CA HIS A 262 4.81 27.58 11.59
C HIS A 262 6.10 27.79 10.80
N ASP A 263 6.58 29.02 10.73
CA ASP A 263 7.72 29.27 9.85
C ASP A 263 8.98 28.53 10.27
N ARG A 264 9.19 28.39 11.58
N ARG A 264 9.19 28.39 11.58
CA ARG A 264 10.35 27.67 12.09
CA ARG A 264 10.35 27.66 12.06
C ARG A 264 10.06 26.18 12.31
C ARG A 264 10.06 26.17 12.29
N LEU A 265 8.93 25.88 12.92
CA LEU A 265 8.63 24.51 13.36
C LEU A 265 7.97 23.60 12.34
N GLY A 266 7.57 24.15 11.20
CA GLY A 266 6.87 23.37 10.20
C GLY A 266 5.43 23.12 10.61
N PHE A 267 4.88 21.95 10.29
CA PHE A 267 3.50 21.69 10.69
C PHE A 267 3.43 21.39 12.17
N LEU A 268 2.48 22.04 12.84
CA LEU A 268 2.41 21.94 14.29
C LEU A 268 1.69 20.68 14.72
N THR A 269 2.21 20.09 15.78
CA THR A 269 1.70 18.88 16.39
C THR A 269 1.84 18.98 17.90
N PHE A 270 1.16 18.07 18.60
CA PHE A 270 1.06 18.06 20.05
C PHE A 270 2.38 17.68 20.73
N CYS A 271 3.06 16.68 20.21
CA CYS A 271 4.39 16.31 20.72
C CYS A 271 5.48 16.91 19.83
N PRO A 272 6.55 17.43 20.45
CA PRO A 272 7.62 18.02 19.66
C PRO A 272 8.32 17.02 18.75
N THR A 273 8.26 15.72 19.06
CA THR A 273 8.83 14.70 18.16
C THR A 273 8.12 14.64 16.81
N ASN A 274 6.91 15.20 16.73
CA ASN A 274 6.13 15.05 15.51
C ASN A 274 6.04 16.30 14.65
N LEU A 275 6.85 17.31 14.96
CA LEU A 275 6.83 18.56 14.22
C LEU A 275 7.47 18.46 12.84
N GLY A 276 7.54 19.59 12.14
CA GLY A 276 8.27 19.65 10.90
C GLY A 276 7.52 19.01 9.75
N THR A 277 8.05 17.88 9.27
CA THR A 277 7.40 17.06 8.26
C THR A 277 6.26 16.26 8.86
N THR A 278 6.35 16.02 10.17
CA THR A 278 5.40 15.16 10.89
C THR A 278 5.43 13.71 10.39
N VAL A 279 6.39 13.40 9.50
CA VAL A 279 6.42 12.09 8.83
C VAL A 279 6.98 10.98 9.69
N ARG A 280 6.21 9.90 9.83
CA ARG A 280 6.76 8.65 10.35
C ARG A 280 6.48 7.58 9.32
N ALA A 281 7.56 7.14 8.67
CA ALA A 281 7.47 6.09 7.65
C ALA A 281 8.01 4.85 8.31
N SER A 282 7.26 3.76 8.28
CA SER A 282 7.68 2.55 9.00
C SER A 282 7.50 1.26 8.21
N VAL A 283 8.22 0.24 8.62
CA VAL A 283 7.91 -1.12 8.19
C VAL A 283 7.65 -1.95 9.42
N HIS A 284 6.75 -2.93 9.29
CA HIS A 284 6.75 -4.09 10.17
C HIS A 284 7.69 -5.12 9.54
N ILE A 285 8.75 -5.46 10.26
CA ILE A 285 9.85 -6.19 9.64
C ILE A 285 10.40 -7.27 10.57
N LYS A 286 10.75 -8.41 9.99
CA LYS A 286 11.39 -9.50 10.70
C LYS A 286 12.89 -9.55 10.34
N LEU A 287 13.74 -9.43 11.35
CA LEU A 287 15.19 -9.48 11.15
C LEU A 287 15.78 -10.40 12.22
N PRO A 288 15.57 -11.71 12.07
CA PRO A 288 15.85 -12.67 13.15
C PRO A 288 17.29 -12.70 13.64
N LYS A 289 18.26 -12.56 12.75
CA LYS A 289 19.67 -12.58 13.18
C LYS A 289 20.01 -11.30 13.89
N LEU A 290 19.64 -10.17 13.27
CA LEU A 290 19.98 -8.87 13.82
C LEU A 290 19.20 -8.59 15.11
N ALA A 291 17.98 -9.10 15.18
CA ALA A 291 17.09 -8.78 16.31
C ALA A 291 17.06 -9.82 17.43
N ALA A 292 18.16 -10.54 17.60
CA ALA A 292 18.25 -11.52 18.68
C ALA A 292 18.26 -10.81 20.04
N ASN A 293 19.01 -9.72 20.13
CA ASN A 293 18.89 -8.84 21.27
C ASN A 293 18.30 -7.53 20.77
N ARG A 294 17.20 -7.09 21.39
CA ARG A 294 16.58 -5.84 20.97
C ARG A 294 17.60 -4.72 21.08
N GLU A 295 18.48 -4.83 22.05
CA GLU A 295 19.55 -3.85 22.26
C GLU A 295 20.52 -3.73 21.08
N LYS A 296 20.94 -4.87 20.51
CA LYS A 296 21.88 -4.84 19.40
C LYS A 296 21.23 -4.25 18.15
N LEU A 297 19.97 -4.61 17.93
CA LEU A 297 19.20 -4.04 16.83
C LEU A 297 19.03 -2.54 17.02
N GLU A 298 18.71 -2.12 18.24
CA GLU A 298 18.54 -0.70 18.52
C GLU A 298 19.83 0.08 18.30
N GLU A 299 20.97 -0.50 18.68
CA GLU A 299 22.27 0.14 18.42
C GLU A 299 22.43 0.37 16.92
N VAL A 300 22.21 -0.69 16.15
CA VAL A 300 22.43 -0.65 14.71
C VAL A 300 21.41 0.24 14.03
N ALA A 301 20.14 0.12 14.43
CA ALA A 301 19.11 0.99 13.88
C ALA A 301 19.44 2.47 14.18
N GLY A 302 19.91 2.74 15.38
CA GLY A 302 20.24 4.11 15.78
C GLY A 302 21.29 4.75 14.90
N LYS A 303 22.23 3.93 14.42
CA LYS A 303 23.29 4.44 13.58
C LYS A 303 22.75 5.00 12.27
N TYR A 304 21.54 4.57 11.90
CA TYR A 304 20.89 5.06 10.69
C TYR A 304 19.73 6.00 11.01
N ASN A 305 19.72 6.53 12.22
CA ASN A 305 18.67 7.44 12.67
C ASN A 305 17.32 6.78 12.56
N LEU A 306 17.28 5.47 12.82
CA LEU A 306 16.01 4.76 12.84
C LEU A 306 15.59 4.52 14.28
N GLN A 307 14.28 4.38 14.50
CA GLN A 307 13.74 4.08 15.82
C GLN A 307 13.03 2.74 15.76
N VAL A 308 13.18 1.96 16.82
CA VAL A 308 12.58 0.65 16.89
C VAL A 308 11.41 0.67 17.86
N ARG A 309 10.27 0.18 17.41
CA ARG A 309 9.08 0.04 18.24
C ARG A 309 8.56 -1.39 18.15
N GLY A 310 7.63 -1.75 19.04
CA GLY A 310 7.00 -3.05 19.00
C GLY A 310 5.90 -3.19 17.96
N THR A 311 5.30 -4.37 17.93
CA THR A 311 4.34 -4.68 16.87
C THR A 311 3.04 -3.88 17.03
N ARG A 312 2.67 -3.57 18.28
CA ARG A 312 1.46 -2.78 18.53
C ARG A 312 1.74 -1.28 18.67
N GLY A 313 2.95 -0.88 18.27
CA GLY A 313 3.36 0.52 18.35
C GLY A 313 4.40 0.79 19.42
N GLU A 314 4.68 2.06 19.67
CA GLU A 314 5.68 2.40 20.68
C GLU A 314 5.27 1.82 22.03
N HIS A 315 6.26 1.54 22.88
CA HIS A 315 6.03 0.99 24.23
C HIS A 315 5.38 -0.40 24.24
N THR A 316 5.58 -1.16 23.16
CA THR A 316 5.11 -2.53 23.10
C THR A 316 6.28 -3.40 22.66
N GLU A 317 6.14 -4.71 22.83
CA GLU A 317 7.21 -5.60 22.44
C GLU A 317 6.98 -6.13 21.03
N ALA A 318 8.04 -6.68 20.43
CA ALA A 318 7.89 -7.31 19.15
C ALA A 318 7.20 -8.65 19.37
N GLU A 319 6.10 -8.88 18.67
N GLU A 319 6.11 -8.88 18.66
CA GLU A 319 5.40 -10.15 18.73
CA GLU A 319 5.40 -10.15 18.72
C GLU A 319 5.71 -10.97 17.48
C GLU A 319 5.71 -10.96 17.48
N GLY A 320 6.16 -12.19 17.68
CA GLY A 320 6.54 -13.05 16.56
C GLY A 320 7.73 -12.47 15.82
N GLY A 321 8.53 -11.67 16.53
CA GLY A 321 9.71 -11.06 15.97
C GLY A 321 9.46 -9.96 14.95
N ILE A 322 8.24 -9.43 14.94
CA ILE A 322 7.89 -8.31 14.06
C ILE A 322 8.16 -6.97 14.74
N TYR A 323 9.16 -6.25 14.23
CA TYR A 323 9.48 -4.94 14.78
C TYR A 323 8.97 -3.84 13.86
N ASP A 324 8.61 -2.70 14.47
CA ASP A 324 8.26 -1.47 13.77
C ASP A 324 9.54 -0.63 13.70
N ILE A 325 10.05 -0.39 12.50
CA ILE A 325 11.26 0.40 12.35
C ILE A 325 10.97 1.58 11.43
N SER A 326 11.33 2.78 11.87
CA SER A 326 10.91 4.00 11.19
C SER A 326 11.97 5.08 11.30
N ASN A 327 11.86 6.12 10.48
CA ASN A 327 12.69 7.30 10.70
C ASN A 327 12.37 7.92 12.04
N LYS A 328 13.41 8.21 12.81
CA LYS A 328 13.25 8.87 14.10
C LYS A 328 13.02 10.37 13.93
N ARG A 329 13.80 11.02 13.08
CA ARG A 329 13.68 12.48 13.04
C ARG A 329 12.67 12.97 12.01
N ARG A 330 12.07 14.13 12.27
CA ARG A 330 11.02 14.65 11.40
C ARG A 330 11.21 16.13 11.05
N MET A 331 12.08 16.80 11.78
CA MET A 331 12.36 18.23 11.56
C MET A 331 13.75 18.43 10.97
N GLY A 332 13.87 19.46 10.14
CA GLY A 332 15.15 19.87 9.61
C GLY A 332 15.51 19.13 8.34
N LEU A 333 14.55 18.41 7.80
CA LEU A 333 14.73 17.72 6.52
C LEU A 333 13.36 17.72 5.85
N THR A 334 13.30 17.55 4.54
CA THR A 334 12.02 17.60 3.84
C THR A 334 11.25 16.30 4.03
N GLU A 335 9.97 16.31 3.62
CA GLU A 335 9.14 15.10 3.63
C GLU A 335 9.81 14.00 2.81
N PHE A 336 10.25 14.35 1.60
CA PHE A 336 11.02 13.42 0.77
C PHE A 336 12.25 12.87 1.50
N GLN A 337 13.04 13.75 2.11
CA GLN A 337 14.24 13.32 2.81
C GLN A 337 13.94 12.38 3.97
N ALA A 338 12.85 12.65 4.68
CA ALA A 338 12.47 11.80 5.80
C ALA A 338 12.17 10.37 5.34
N VAL A 339 11.34 10.25 4.30
CA VAL A 339 11.02 8.93 3.76
C VAL A 339 12.25 8.28 3.14
N LYS A 340 13.13 9.07 2.51
CA LYS A 340 14.34 8.51 1.92
C LYS A 340 15.28 8.00 3.01
N GLU A 341 15.31 8.70 4.14
CA GLU A 341 16.15 8.29 5.26
C GLU A 341 15.64 6.97 5.83
N MET A 342 14.32 6.83 5.95
CA MET A 342 13.77 5.54 6.34
C MET A 342 14.11 4.44 5.32
N GLN A 343 13.88 4.71 4.03
CA GLN A 343 14.09 3.70 2.99
C GLN A 343 15.52 3.23 2.97
N ASP A 344 16.45 4.18 2.99
CA ASP A 344 17.87 3.85 2.95
C ASP A 344 18.27 3.02 4.17
N GLY A 345 17.74 3.38 5.33
CA GLY A 345 18.02 2.65 6.55
C GLY A 345 17.49 1.22 6.52
N ILE A 346 16.25 1.05 6.06
CA ILE A 346 15.67 -0.29 6.00
C ILE A 346 16.47 -1.18 5.07
N LEU A 347 16.86 -0.64 3.92
CA LEU A 347 17.65 -1.42 2.96
C LEU A 347 18.99 -1.81 3.57
N GLU A 348 19.59 -0.91 4.31
CA GLU A 348 20.87 -1.17 4.97
C GLU A 348 20.72 -2.27 6.02
N LEU A 349 19.62 -2.24 6.79
CA LEU A 349 19.38 -3.27 7.79
C LEU A 349 19.15 -4.64 7.17
N ILE A 350 18.46 -4.68 6.02
CA ILE A 350 18.27 -5.93 5.30
C ILE A 350 19.59 -6.49 4.79
N LYS A 351 20.46 -5.61 4.31
CA LYS A 351 21.79 -6.02 3.86
C LYS A 351 22.58 -6.58 5.04
N ILE A 352 22.49 -5.92 6.20
CA ILE A 352 23.20 -6.36 7.39
C ILE A 352 22.69 -7.72 7.85
N GLU A 353 21.38 -7.88 7.87
CA GLU A 353 20.74 -9.12 8.24
C GLU A 353 21.24 -10.27 7.37
N LYS A 354 21.19 -10.06 6.06
CA LYS A 354 21.61 -11.07 5.10
C LYS A 354 23.08 -11.47 5.27
N GLU A 355 23.92 -10.53 5.70
CA GLU A 355 25.37 -10.75 5.67
C GLU A 355 25.96 -11.25 6.98
N MET A 356 25.22 -11.11 8.08
CA MET A 356 25.73 -11.59 9.37
C MET A 356 25.41 -13.06 9.61
N MET B 1 -0.54 -32.98 2.09
CA MET B 1 -1.27 -34.10 2.65
C MET B 1 -2.74 -34.20 2.25
N ALA B 2 -3.60 -33.33 2.81
CA ALA B 2 -3.19 -32.24 3.69
C ALA B 2 -2.65 -32.71 5.03
N ASP B 3 -1.43 -32.32 5.36
CA ASP B 3 -0.85 -32.68 6.65
C ASP B 3 -1.35 -31.74 7.74
N ALA B 4 -1.01 -32.06 9.00
CA ALA B 4 -1.48 -31.31 10.17
C ALA B 4 -1.42 -29.80 10.02
N ALA B 5 -0.28 -29.30 9.57
CA ALA B 5 -0.08 -27.87 9.35
C ALA B 5 -1.07 -27.31 8.33
N VAL B 6 -1.23 -28.01 7.21
CA VAL B 6 -2.11 -27.56 6.14
C VAL B 6 -3.59 -27.62 6.54
N ILE B 7 -3.98 -28.70 7.22
CA ILE B 7 -5.37 -28.86 7.66
C ILE B 7 -5.73 -27.69 8.55
N GLU B 8 -4.84 -27.41 9.49
CA GLU B 8 -5.06 -26.34 10.47
C GLU B 8 -5.16 -24.98 9.80
N LYS B 9 -4.29 -24.73 8.82
CA LYS B 9 -4.28 -23.47 8.11
C LYS B 9 -5.56 -23.28 7.30
N LEU B 10 -6.03 -24.37 6.69
CA LEU B 10 -7.22 -24.37 5.86
C LEU B 10 -8.47 -24.12 6.72
N GLU B 11 -8.55 -24.81 7.85
CA GLU B 11 -9.68 -24.62 8.75
C GLU B 11 -9.71 -23.17 9.22
N ALA B 12 -8.56 -22.65 9.63
CA ALA B 12 -8.47 -21.27 10.10
C ALA B 12 -8.86 -20.33 8.97
N GLY B 13 -8.39 -20.65 7.76
CA GLY B 13 -8.74 -19.88 6.59
C GLY B 13 -10.23 -19.78 6.33
N PHE B 14 -10.91 -20.92 6.37
CA PHE B 14 -12.35 -20.93 6.18
C PHE B 14 -13.03 -20.09 7.26
N LYS B 15 -12.59 -20.25 8.50
CA LYS B 15 -13.19 -19.47 9.58
C LYS B 15 -12.91 -17.98 9.43
N LYS B 16 -11.72 -17.64 8.94
CA LYS B 16 -11.41 -16.23 8.67
C LYS B 16 -12.33 -15.64 7.60
N LEU B 17 -12.52 -16.39 6.52
CA LEU B 17 -13.45 -15.97 5.46
C LEU B 17 -14.86 -15.84 6.00
N GLU B 18 -15.25 -16.78 6.85
CA GLU B 18 -16.58 -16.76 7.45
C GLU B 18 -16.78 -15.52 8.31
N ALA B 19 -15.79 -15.23 9.14
CA ALA B 19 -15.89 -14.13 10.10
C ALA B 19 -15.95 -12.79 9.39
N ALA B 20 -15.35 -12.73 8.21
CA ALA B 20 -15.36 -11.50 7.41
C ALA B 20 -16.67 -11.39 6.66
N THR B 21 -17.70 -10.96 7.38
CA THR B 21 -19.02 -10.90 6.79
C THR B 21 -19.10 -9.77 5.77
N ASP B 22 -18.10 -8.88 5.77
CA ASP B 22 -18.02 -7.79 4.81
C ASP B 22 -17.19 -8.14 3.58
N CYS B 23 -16.73 -9.40 3.50
CA CYS B 23 -15.89 -9.86 2.38
C CYS B 23 -16.69 -10.17 1.11
N ARG B 24 -16.21 -9.67 -0.02
CA ARG B 24 -16.98 -9.74 -1.26
C ARG B 24 -16.31 -10.51 -2.37
N SER B 25 -15.25 -11.24 -2.06
CA SER B 25 -14.52 -11.96 -3.11
C SER B 25 -15.31 -13.13 -3.68
N LEU B 26 -15.01 -13.52 -4.91
CA LEU B 26 -15.59 -14.73 -5.47
C LEU B 26 -15.24 -15.96 -4.64
N LEU B 27 -14.05 -15.96 -4.04
CA LEU B 27 -13.64 -17.06 -3.17
C LEU B 27 -14.64 -17.20 -2.02
N LYS B 28 -14.96 -16.09 -1.38
CA LYS B 28 -15.87 -16.11 -0.23
C LYS B 28 -17.24 -16.58 -0.69
N LYS B 29 -17.61 -16.16 -1.90
CA LYS B 29 -18.93 -16.49 -2.44
C LYS B 29 -19.10 -17.98 -2.74
N TYR B 30 -18.06 -18.62 -3.27
CA TYR B 30 -18.22 -19.97 -3.82
C TYR B 30 -17.57 -21.06 -2.99
N LEU B 31 -16.70 -20.68 -2.08
CA LEU B 31 -16.14 -21.68 -1.16
C LEU B 31 -17.15 -21.88 -0.03
N THR B 32 -18.20 -22.65 -0.34
CA THR B 32 -19.20 -23.02 0.65
C THR B 32 -18.59 -24.07 1.57
N LYS B 33 -19.24 -24.31 2.71
CA LYS B 33 -18.76 -25.34 3.64
C LYS B 33 -18.73 -26.70 2.97
N ASP B 34 -19.67 -26.93 2.06
CA ASP B 34 -19.77 -28.19 1.33
C ASP B 34 -18.62 -28.38 0.33
N VAL B 35 -18.32 -27.31 -0.41
CA VAL B 35 -17.20 -27.36 -1.35
C VAL B 35 -15.89 -27.46 -0.58
N PHE B 36 -15.77 -26.66 0.49
CA PHE B 36 -14.58 -26.69 1.34
C PHE B 36 -14.33 -28.08 1.90
N ASP B 37 -15.35 -28.68 2.52
CA ASP B 37 -15.22 -30.04 3.03
C ASP B 37 -14.89 -31.06 1.95
N LYS B 38 -15.49 -30.92 0.77
CA LYS B 38 -15.19 -31.82 -0.33
C LYS B 38 -13.74 -31.69 -0.79
N LEU B 39 -13.23 -30.47 -0.83
CA LEU B 39 -11.92 -30.21 -1.42
C LEU B 39 -10.74 -30.18 -0.45
N LYS B 40 -10.99 -30.02 0.84
CA LYS B 40 -9.92 -29.70 1.79
C LYS B 40 -8.82 -30.75 2.01
N ASP B 41 -9.09 -32.02 1.70
CA ASP B 41 -8.04 -33.03 1.85
C ASP B 41 -7.45 -33.47 0.51
N LYS B 42 -7.80 -32.77 -0.57
CA LYS B 42 -7.28 -33.12 -1.89
C LYS B 42 -5.88 -32.57 -2.15
N LYS B 43 -5.14 -33.26 -3.00
CA LYS B 43 -3.75 -32.89 -3.29
C LYS B 43 -3.36 -33.30 -4.69
N THR B 44 -2.79 -32.37 -5.47
CA THR B 44 -2.31 -32.72 -6.83
C THR B 44 -1.10 -33.65 -6.79
N SER B 45 -0.75 -34.19 -7.94
CA SER B 45 0.35 -35.15 -8.01
C SER B 45 1.70 -34.47 -7.75
N LEU B 46 1.72 -33.15 -7.91
CA LEU B 46 2.91 -32.36 -7.62
C LEU B 46 2.98 -32.01 -6.13
N GLY B 47 1.83 -32.08 -5.45
CA GLY B 47 1.78 -31.82 -4.02
C GLY B 47 1.00 -30.58 -3.64
N ALA B 48 0.31 -29.98 -4.60
CA ALA B 48 -0.45 -28.76 -4.31
C ALA B 48 -1.78 -29.06 -3.63
N THR B 49 -2.04 -28.34 -2.55
CA THR B 49 -3.27 -28.54 -1.76
C THR B 49 -4.28 -27.41 -2.01
N LEU B 50 -5.44 -27.49 -1.36
CA LEU B 50 -6.39 -26.38 -1.45
C LEU B 50 -5.76 -25.10 -0.93
N LEU B 51 -4.85 -25.19 0.02
CA LEU B 51 -4.21 -24.00 0.57
C LEU B 51 -3.42 -23.27 -0.50
N ASP B 52 -2.83 -24.04 -1.41
CA ASP B 52 -2.00 -23.47 -2.46
C ASP B 52 -2.86 -22.82 -3.53
N VAL B 53 -4.17 -23.06 -3.43
CA VAL B 53 -5.14 -22.42 -4.31
C VAL B 53 -5.75 -21.16 -3.67
N ILE B 54 -6.14 -21.27 -2.40
CA ILE B 54 -7.01 -20.23 -1.81
C ILE B 54 -6.30 -19.25 -0.89
N GLN B 55 -5.05 -19.53 -0.54
CA GLN B 55 -4.35 -18.71 0.47
C GLN B 55 -4.32 -17.21 0.16
N SER B 56 -4.15 -16.84 -1.11
CA SER B 56 -4.07 -15.42 -1.41
C SER B 56 -5.38 -14.69 -1.09
N GLY B 57 -6.51 -15.36 -1.30
CA GLY B 57 -7.80 -14.77 -0.98
C GLY B 57 -8.16 -14.85 0.51
N VAL B 58 -7.56 -15.79 1.23
CA VAL B 58 -7.68 -15.85 2.68
C VAL B 58 -6.90 -14.70 3.31
N GLU B 59 -5.66 -14.53 2.87
CA GLU B 59 -4.78 -13.48 3.39
C GLU B 59 -5.26 -12.09 2.98
N ASN B 60 -5.64 -11.95 1.71
CA ASN B 60 -6.15 -10.69 1.18
C ASN B 60 -7.66 -10.74 1.04
N LEU B 61 -8.37 -10.36 2.10
CA LEU B 61 -9.83 -10.43 2.07
C LEU B 61 -10.40 -9.50 1.02
N ASP B 62 -9.66 -8.44 0.69
CA ASP B 62 -10.08 -7.47 -0.33
C ASP B 62 -9.86 -7.96 -1.77
N SER B 63 -9.43 -9.22 -1.92
CA SER B 63 -9.34 -9.82 -3.25
C SER B 63 -10.67 -9.75 -3.96
N GLY B 64 -10.63 -9.53 -5.27
CA GLY B 64 -11.83 -9.65 -6.08
C GLY B 64 -12.16 -11.11 -6.38
N VAL B 65 -11.13 -11.91 -6.61
CA VAL B 65 -11.26 -13.30 -7.01
C VAL B 65 -10.74 -14.18 -5.86
N GLY B 66 -9.44 -14.10 -5.61
CA GLY B 66 -8.87 -14.69 -4.40
C GLY B 66 -8.38 -16.12 -4.51
N ILE B 67 -8.33 -16.66 -5.72
CA ILE B 67 -7.71 -17.96 -5.96
C ILE B 67 -6.77 -17.95 -7.17
N TYR B 68 -5.80 -18.85 -7.15
CA TYR B 68 -4.89 -19.07 -8.27
C TYR B 68 -4.70 -20.58 -8.42
N ALA B 69 -4.19 -21.00 -9.57
CA ALA B 69 -3.89 -22.39 -9.77
C ALA B 69 -2.41 -22.62 -9.51
N PRO B 70 -2.07 -23.49 -8.55
CA PRO B 70 -0.65 -23.76 -8.31
C PRO B 70 -0.01 -24.57 -9.44
N ASP B 71 -0.80 -25.46 -10.06
CA ASP B 71 -0.36 -26.18 -11.24
C ASP B 71 -1.57 -26.37 -12.15
N ALA B 72 -1.34 -26.86 -13.37
CA ALA B 72 -2.44 -27.04 -14.31
C ALA B 72 -3.42 -28.06 -13.77
N GLU B 73 -2.88 -29.09 -13.12
CA GLU B 73 -3.69 -30.18 -12.58
C GLU B 73 -4.73 -29.66 -11.59
N ALA B 74 -4.40 -28.60 -10.87
CA ALA B 74 -5.32 -28.03 -9.89
C ALA B 74 -6.63 -27.55 -10.51
N TYR B 75 -6.59 -27.15 -11.77
CA TYR B 75 -7.82 -26.73 -12.44
C TYR B 75 -8.84 -27.87 -12.50
N THR B 76 -8.34 -29.09 -12.63
CA THR B 76 -9.18 -30.29 -12.65
C THR B 76 -9.54 -30.75 -11.24
N LEU B 77 -8.53 -30.90 -10.38
CA LEU B 77 -8.78 -31.43 -9.05
C LEU B 77 -9.70 -30.54 -8.22
N PHE B 78 -9.50 -29.22 -8.31
CA PHE B 78 -10.31 -28.28 -7.54
C PHE B 78 -11.34 -27.60 -8.41
N ALA B 79 -11.74 -28.29 -9.47
CA ALA B 79 -12.80 -27.82 -10.36
C ALA B 79 -14.07 -27.36 -9.66
N PRO B 80 -14.51 -28.05 -8.58
CA PRO B 80 -15.74 -27.56 -7.93
C PRO B 80 -15.64 -26.15 -7.39
N LEU B 81 -14.42 -25.66 -7.14
CA LEU B 81 -14.22 -24.27 -6.76
C LEU B 81 -13.92 -23.40 -7.97
N PHE B 82 -13.02 -23.87 -8.84
CA PHE B 82 -12.60 -23.10 -10.02
C PHE B 82 -13.77 -22.82 -10.97
N ASP B 83 -14.56 -23.85 -11.26
CA ASP B 83 -15.58 -23.74 -12.30
C ASP B 83 -16.65 -22.67 -12.05
N PRO B 84 -17.26 -22.63 -10.85
CA PRO B 84 -18.23 -21.55 -10.64
C PRO B 84 -17.60 -20.16 -10.61
N ILE B 85 -16.34 -20.07 -10.17
CA ILE B 85 -15.66 -18.78 -10.12
C ILE B 85 -15.38 -18.31 -11.54
N ILE B 86 -14.95 -19.25 -12.38
CA ILE B 86 -14.69 -19.02 -13.79
C ILE B 86 -15.96 -18.55 -14.50
N GLU B 87 -17.08 -19.21 -14.21
CA GLU B 87 -18.36 -18.86 -14.81
C GLU B 87 -18.81 -17.46 -14.42
N ASP B 88 -18.62 -17.11 -13.15
CA ASP B 88 -19.02 -15.81 -12.66
C ASP B 88 -18.15 -14.75 -13.32
N TYR B 89 -16.84 -14.98 -13.36
CA TYR B 89 -15.94 -13.96 -13.90
C TYR B 89 -16.07 -13.76 -15.41
N HIS B 90 -16.06 -14.89 -16.16
CA HIS B 90 -16.01 -14.81 -17.63
C HIS B 90 -17.37 -14.69 -18.31
N VAL B 91 -18.41 -14.40 -17.51
CA VAL B 91 -19.79 -14.18 -17.94
C VAL B 91 -20.28 -15.18 -18.99
N GLY B 92 -20.93 -16.23 -18.53
CA GLY B 92 -21.56 -17.21 -19.40
C GLY B 92 -20.74 -18.45 -19.74
N PHE B 93 -19.50 -18.53 -19.26
CA PHE B 93 -18.69 -19.71 -19.54
C PHE B 93 -19.05 -20.83 -18.58
N LYS B 94 -20.04 -21.63 -18.98
CA LYS B 94 -20.59 -22.66 -18.12
C LYS B 94 -19.62 -23.80 -17.83
N GLN B 95 -19.95 -24.57 -16.81
CA GLN B 95 -19.00 -25.53 -16.26
C GLN B 95 -18.84 -26.78 -17.13
N THR B 96 -19.66 -26.87 -18.18
CA THR B 96 -19.52 -27.89 -19.20
C THR B 96 -18.95 -27.29 -20.48
N ASP B 97 -19.00 -25.97 -20.59
CA ASP B 97 -18.57 -25.28 -21.80
C ASP B 97 -17.11 -25.53 -22.16
N LYS B 98 -16.78 -25.28 -23.42
CA LYS B 98 -15.44 -25.51 -23.94
C LYS B 98 -14.94 -24.24 -24.61
N HIS B 99 -13.75 -23.78 -24.22
CA HIS B 99 -13.20 -22.57 -24.82
C HIS B 99 -12.81 -22.82 -26.28
N PRO B 100 -13.21 -21.91 -27.19
CA PRO B 100 -12.96 -22.12 -28.62
C PRO B 100 -11.49 -22.16 -29.00
N ASN B 101 -11.20 -22.89 -30.08
CA ASN B 101 -9.88 -22.93 -30.69
C ASN B 101 -9.31 -21.54 -30.94
N LYS B 102 -7.99 -21.44 -30.90
CA LYS B 102 -7.28 -20.17 -31.10
C LYS B 102 -7.66 -19.52 -32.43
N ASP B 103 -8.08 -18.26 -32.37
CA ASP B 103 -8.42 -17.54 -33.59
C ASP B 103 -8.23 -16.03 -33.43
N PHE B 104 -7.14 -15.53 -33.98
CA PHE B 104 -6.82 -14.10 -33.97
C PHE B 104 -7.70 -13.31 -34.96
N GLY B 105 -8.29 -14.00 -35.94
CA GLY B 105 -9.22 -13.38 -36.86
C GLY B 105 -8.56 -12.45 -37.87
N ASP B 106 -9.32 -11.45 -38.32
CA ASP B 106 -8.83 -10.44 -39.26
C ASP B 106 -8.15 -9.32 -38.49
N VAL B 107 -6.84 -9.43 -38.29
CA VAL B 107 -6.11 -8.55 -37.38
C VAL B 107 -6.18 -7.05 -37.70
N ASN B 108 -6.20 -6.69 -38.98
CA ASN B 108 -6.30 -5.26 -39.33
C ASN B 108 -7.73 -4.72 -39.50
N SER B 109 -8.73 -5.54 -39.23
CA SER B 109 -10.12 -5.07 -39.30
C SER B 109 -10.43 -4.13 -38.13
N PHE B 110 -9.51 -4.07 -37.16
CA PHE B 110 -9.70 -3.18 -36.02
C PHE B 110 -9.40 -1.73 -36.36
N VAL B 111 -10.22 -0.84 -35.81
CA VAL B 111 -10.17 0.58 -36.17
C VAL B 111 -9.32 1.41 -35.24
N ASN B 112 -9.03 2.64 -35.65
CA ASN B 112 -8.47 3.60 -34.70
C ASN B 112 -9.61 4.03 -33.79
N VAL B 113 -9.51 3.73 -32.51
CA VAL B 113 -10.64 3.97 -31.62
C VAL B 113 -10.84 5.44 -31.28
N ASP B 114 -9.88 6.29 -31.63
CA ASP B 114 -10.02 7.72 -31.37
C ASP B 114 -9.00 8.50 -32.17
N PRO B 115 -9.30 8.72 -33.46
CA PRO B 115 -8.34 9.42 -34.31
C PRO B 115 -7.96 10.82 -33.82
N GLU B 116 -8.91 11.63 -33.36
CA GLU B 116 -8.61 13.00 -32.93
C GLU B 116 -7.76 13.01 -31.67
N GLY B 117 -8.01 12.04 -30.79
CA GLY B 117 -7.14 11.83 -29.63
C GLY B 117 -7.40 12.71 -28.41
N LYS B 118 -8.62 13.22 -28.28
CA LYS B 118 -9.03 13.91 -27.06
C LYS B 118 -9.15 12.94 -25.90
N PHE B 119 -9.44 11.68 -26.21
CA PHE B 119 -9.76 10.70 -25.16
C PHE B 119 -8.69 9.65 -24.96
N VAL B 120 -8.39 8.91 -26.01
CA VAL B 120 -7.46 7.79 -25.87
C VAL B 120 -6.01 8.21 -25.98
N ILE B 121 -5.28 7.95 -24.90
CA ILE B 121 -3.86 8.26 -24.79
C ILE B 121 -2.96 7.18 -25.39
N SER B 122 -3.24 5.92 -25.08
CA SER B 122 -2.43 4.81 -25.57
C SER B 122 -3.27 3.55 -25.59
N THR B 123 -2.87 2.62 -26.44
CA THR B 123 -3.61 1.38 -26.66
C THR B 123 -2.66 0.21 -26.49
N ARG B 124 -3.14 -0.84 -25.85
CA ARG B 124 -2.29 -1.99 -25.50
C ARG B 124 -3.09 -3.27 -25.62
N VAL B 125 -2.46 -4.33 -26.12
CA VAL B 125 -3.06 -5.64 -26.00
C VAL B 125 -2.01 -6.61 -25.49
N ARG B 126 -2.36 -7.37 -24.46
CA ARG B 126 -1.44 -8.41 -24.03
C ARG B 126 -2.07 -9.78 -24.04
N CYS B 127 -1.20 -10.79 -24.12
N CYS B 127 -1.24 -10.81 -24.08
CA CYS B 127 -1.58 -12.19 -23.97
CA CYS B 127 -1.72 -12.15 -23.83
C CYS B 127 -0.72 -12.81 -22.88
C CYS B 127 -0.74 -12.81 -22.87
N GLY B 128 -1.15 -13.94 -22.32
CA GLY B 128 -0.34 -14.67 -21.36
C GLY B 128 -0.06 -16.07 -21.87
N ARG B 129 1.10 -16.61 -21.53
CA ARG B 129 1.43 -18.00 -21.90
C ARG B 129 2.19 -18.71 -20.79
N SER B 130 1.94 -20.01 -20.66
CA SER B 130 2.71 -20.85 -19.76
C SER B 130 3.59 -21.80 -20.57
N MET B 131 4.82 -22.00 -20.11
CA MET B 131 5.76 -22.90 -20.76
C MET B 131 5.45 -24.35 -20.39
N GLN B 132 5.40 -25.21 -21.41
CA GLN B 132 5.21 -26.63 -21.19
C GLN B 132 6.36 -27.17 -20.36
N GLY B 133 6.04 -27.96 -19.34
CA GLY B 133 7.05 -28.62 -18.53
C GLY B 133 7.31 -27.97 -17.19
N TYR B 134 6.58 -26.89 -16.88
CA TYR B 134 6.75 -26.15 -15.64
C TYR B 134 5.40 -25.83 -15.02
N PRO B 135 5.29 -25.96 -13.70
CA PRO B 135 4.08 -25.55 -12.98
C PRO B 135 4.02 -24.02 -12.85
N PHE B 136 2.98 -23.54 -12.19
CA PHE B 136 2.83 -22.11 -11.96
C PHE B 136 3.68 -21.66 -10.77
N ASN B 137 3.77 -20.35 -10.57
CA ASN B 137 4.59 -19.74 -9.53
C ASN B 137 4.69 -20.44 -8.16
N PRO B 138 3.56 -20.88 -7.57
CA PRO B 138 3.69 -21.41 -6.21
C PRO B 138 4.49 -22.70 -6.12
N CYS B 139 4.70 -23.37 -7.25
CA CYS B 139 5.39 -24.65 -7.26
C CYS B 139 6.73 -24.58 -7.97
N LEU B 140 7.12 -23.38 -8.40
CA LEU B 140 8.41 -23.24 -9.07
C LEU B 140 9.58 -23.13 -8.09
N THR B 141 10.73 -23.68 -8.50
CA THR B 141 11.94 -23.57 -7.71
C THR B 141 12.84 -22.49 -8.30
N GLU B 142 13.84 -22.07 -7.55
CA GLU B 142 14.77 -21.06 -8.04
C GLU B 142 15.46 -21.56 -9.32
N SER B 143 15.84 -22.84 -9.35
CA SER B 143 16.49 -23.40 -10.53
C SER B 143 15.57 -23.35 -11.75
N GLN B 144 14.30 -23.64 -11.52
CA GLN B 144 13.32 -23.56 -12.61
C GLN B 144 13.19 -22.15 -13.14
N TYR B 145 13.01 -21.17 -12.25
CA TYR B 145 12.93 -19.78 -12.68
C TYR B 145 14.10 -19.42 -13.62
N LYS B 146 15.31 -19.76 -13.21
CA LYS B 146 16.50 -19.41 -13.99
C LYS B 146 16.55 -20.16 -15.31
N GLU B 147 16.10 -21.41 -15.30
CA GLU B 147 16.17 -22.26 -16.48
C GLU B 147 15.18 -21.75 -17.52
N MET B 148 13.99 -21.38 -17.03
CA MET B 148 12.95 -20.80 -17.88
C MET B 148 13.41 -19.48 -18.49
N GLU B 149 14.01 -18.63 -17.66
CA GLU B 149 14.53 -17.34 -18.11
C GLU B 149 15.57 -17.53 -19.21
N ALA B 150 16.46 -18.51 -19.03
CA ALA B 150 17.50 -18.79 -20.02
C ALA B 150 16.92 -19.24 -21.35
N LYS B 151 15.90 -20.10 -21.29
CA LYS B 151 15.24 -20.57 -22.51
C LYS B 151 14.54 -19.42 -23.24
N VAL B 152 13.85 -18.59 -22.47
CA VAL B 152 13.14 -17.46 -23.03
C VAL B 152 14.11 -16.44 -23.63
N SER B 153 15.17 -16.11 -22.89
N SER B 153 15.17 -16.11 -22.89
CA SER B 153 16.10 -15.10 -23.37
CA SER B 153 16.13 -15.11 -23.35
C SER B 153 16.85 -15.53 -24.63
C SER B 153 16.83 -15.54 -24.64
N SER B 154 17.23 -16.81 -24.70
CA SER B 154 17.95 -17.32 -25.87
C SER B 154 17.02 -17.29 -27.08
N THR B 155 15.76 -17.67 -26.86
CA THR B 155 14.74 -17.69 -27.91
C THR B 155 14.44 -16.31 -28.48
N LEU B 156 14.16 -15.35 -27.60
CA LEU B 156 13.76 -14.03 -28.03
C LEU B 156 14.90 -13.30 -28.72
N SER B 157 16.14 -13.69 -28.40
N SER B 157 16.13 -13.68 -28.38
CA SER B 157 17.30 -12.97 -28.94
CA SER B 157 17.31 -13.02 -28.92
C SER B 157 17.50 -13.23 -30.43
C SER B 157 17.49 -13.24 -30.42
N SER B 158 16.71 -14.15 -30.99
CA SER B 158 16.78 -14.44 -32.43
C SER B 158 15.61 -13.80 -33.19
N LEU B 159 14.76 -13.07 -32.48
CA LEU B 159 13.64 -12.38 -33.13
C LEU B 159 14.14 -11.29 -34.05
N GLU B 160 13.35 -11.01 -35.09
CA GLU B 160 13.79 -10.15 -36.17
C GLU B 160 12.94 -8.91 -36.41
N GLY B 161 13.52 -7.95 -37.13
CA GLY B 161 12.80 -6.77 -37.56
C GLY B 161 12.15 -6.02 -36.42
N GLU B 162 10.83 -5.90 -36.48
CA GLU B 162 10.07 -5.15 -35.48
C GLU B 162 10.24 -5.76 -34.09
N LEU B 163 10.30 -7.08 -34.04
CA LEU B 163 10.38 -7.81 -32.78
C LEU B 163 11.81 -7.92 -32.25
N LYS B 164 12.76 -7.38 -33.00
CA LYS B 164 14.15 -7.37 -32.59
C LYS B 164 14.36 -6.53 -31.34
N GLY B 165 15.08 -7.07 -30.36
CA GLY B 165 15.31 -6.34 -29.13
C GLY B 165 16.32 -6.98 -28.20
N THR B 166 16.20 -6.66 -26.91
CA THR B 166 17.16 -7.13 -25.91
C THR B 166 16.38 -7.63 -24.71
N TYR B 167 16.87 -8.70 -24.10
CA TYR B 167 16.35 -9.14 -22.81
C TYR B 167 17.12 -8.48 -21.67
N TYR B 168 16.37 -7.88 -20.75
CA TYR B 168 16.94 -7.22 -19.58
C TYR B 168 16.48 -7.96 -18.33
N PRO B 169 17.39 -8.71 -17.71
CA PRO B 169 16.98 -9.37 -16.46
C PRO B 169 16.78 -8.36 -15.33
N LEU B 170 15.87 -8.67 -14.41
CA LEU B 170 15.70 -7.85 -13.21
C LEU B 170 16.87 -8.02 -12.26
N THR B 171 17.45 -9.21 -12.26
CA THR B 171 18.63 -9.47 -11.43
C THR B 171 19.78 -8.66 -12.01
N GLY B 172 20.21 -7.66 -11.25
CA GLY B 172 21.29 -6.78 -11.67
C GLY B 172 20.82 -5.43 -12.16
N MET B 173 19.52 -5.29 -12.39
CA MET B 173 18.96 -4.04 -12.93
C MET B 173 18.89 -2.96 -11.85
N SER B 174 19.35 -1.75 -12.19
CA SER B 174 19.31 -0.63 -11.24
C SER B 174 17.89 -0.20 -10.93
N LYS B 175 17.70 0.45 -9.78
CA LYS B 175 16.41 0.99 -9.40
C LYS B 175 15.98 2.08 -10.35
N GLU B 176 16.96 2.86 -10.81
CA GLU B 176 16.68 3.93 -11.75
C GLU B 176 16.07 3.43 -13.04
N VAL B 177 16.68 2.39 -13.62
CA VAL B 177 16.21 1.87 -14.89
C VAL B 177 14.84 1.25 -14.69
N GLN B 178 14.74 0.47 -13.62
CA GLN B 178 13.51 -0.25 -13.29
C GLN B 178 12.36 0.72 -13.04
N GLN B 179 12.62 1.77 -12.26
CA GLN B 179 11.59 2.76 -11.93
C GLN B 179 10.98 3.41 -13.15
N LYS B 180 11.84 3.88 -14.05
CA LYS B 180 11.38 4.56 -15.25
C LYS B 180 10.54 3.63 -16.12
N LEU B 181 10.96 2.35 -16.20
CA LEU B 181 10.23 1.37 -17.01
C LEU B 181 8.83 1.13 -16.43
N ILE B 182 8.72 1.19 -15.11
CA ILE B 182 7.42 0.98 -14.45
C ILE B 182 6.57 2.25 -14.56
N ASP B 183 7.17 3.41 -14.30
CA ASP B 183 6.48 4.70 -14.45
C ASP B 183 5.92 4.90 -15.85
N ASP B 184 6.69 4.49 -16.86
CA ASP B 184 6.27 4.64 -18.25
C ASP B 184 5.33 3.53 -18.74
N HIS B 185 4.92 2.66 -17.82
CA HIS B 185 3.85 1.66 -18.05
C HIS B 185 4.30 0.44 -18.86
N PHE B 186 5.62 0.21 -18.91
CA PHE B 186 6.19 -0.89 -19.69
C PHE B 186 6.49 -2.14 -18.88
N LEU B 187 7.04 -1.95 -17.69
CA LEU B 187 7.51 -3.07 -16.87
C LEU B 187 6.58 -3.31 -15.69
N PHE B 188 6.38 -4.58 -15.33
CA PHE B 188 5.55 -4.96 -14.20
C PHE B 188 6.10 -4.43 -12.87
N LYS B 189 5.22 -4.21 -11.91
CA LYS B 189 5.60 -3.84 -10.55
C LYS B 189 6.33 -5.00 -9.89
N GLU B 190 7.14 -4.71 -8.87
N GLU B 190 7.08 -4.65 -8.90
CA GLU B 190 7.87 -5.74 -8.15
CA GLU B 190 7.75 -5.70 -8.16
C GLU B 190 6.91 -6.63 -7.35
C GLU B 190 6.71 -6.49 -7.30
N GLY B 191 6.06 -7.36 -8.05
CA GLY B 191 4.98 -8.10 -7.43
C GLY B 191 3.93 -7.22 -6.77
N ASP B 192 2.99 -7.87 -6.09
CA ASP B 192 2.02 -7.16 -5.26
C ASP B 192 1.61 -8.08 -4.11
N ARG B 193 0.75 -7.60 -3.21
CA ARG B 193 0.39 -8.40 -2.04
C ARG B 193 -0.49 -9.60 -2.37
N PHE B 194 -1.18 -9.56 -3.51
CA PHE B 194 -2.01 -10.68 -3.91
C PHE B 194 -1.12 -11.80 -4.40
N LEU B 195 -0.11 -11.42 -5.18
CA LEU B 195 0.87 -12.38 -5.67
C LEU B 195 1.76 -12.92 -4.56
N GLN B 196 2.24 -12.03 -3.68
CA GLN B 196 3.09 -12.48 -2.60
C GLN B 196 2.40 -13.51 -1.70
N ALA B 197 1.13 -13.28 -1.37
CA ALA B 197 0.38 -14.19 -0.51
C ALA B 197 0.07 -15.51 -1.20
N ALA B 198 0.16 -15.53 -2.53
CA ALA B 198 -0.04 -16.75 -3.30
C ALA B 198 1.25 -17.56 -3.44
N ASN B 199 2.31 -17.13 -2.76
CA ASN B 199 3.65 -17.70 -2.91
C ASN B 199 4.14 -17.58 -4.35
N ALA B 200 3.91 -16.42 -4.94
CA ALA B 200 4.26 -16.23 -6.35
C ALA B 200 5.43 -15.27 -6.53
N CSO B 201 6.01 -14.83 -5.41
CA CSO B 201 7.16 -13.92 -5.45
CB CSO B 201 6.82 -12.60 -4.75
SG CSO B 201 5.42 -11.80 -5.56
C CSO B 201 8.42 -14.52 -4.85
O CSO B 201 9.35 -13.79 -4.51
OD CSO B 201 6.10 -11.00 -7.01
N ARG B 202 8.46 -15.84 -4.74
CA ARG B 202 9.62 -16.51 -4.13
C ARG B 202 10.87 -16.36 -4.97
N TYR B 203 11.99 -16.15 -4.30
CA TYR B 203 13.31 -16.05 -4.94
C TYR B 203 13.49 -14.79 -5.79
N TRP B 204 12.62 -13.80 -5.62
CA TRP B 204 12.64 -12.59 -6.41
C TRP B 204 14.00 -11.94 -6.20
N PRO B 205 14.63 -11.44 -7.28
CA PRO B 205 14.15 -11.36 -8.67
C PRO B 205 14.68 -12.44 -9.61
N ALA B 206 15.12 -13.56 -9.08
CA ALA B 206 15.75 -14.60 -9.92
C ALA B 206 14.82 -15.10 -11.01
N GLY B 207 15.31 -15.07 -12.25
CA GLY B 207 14.57 -15.58 -13.38
C GLY B 207 13.50 -14.64 -13.90
N ARG B 208 13.44 -13.43 -13.34
CA ARG B 208 12.48 -12.39 -13.76
C ARG B 208 13.15 -11.38 -14.68
N GLY B 209 12.40 -10.83 -15.63
CA GLY B 209 12.98 -9.79 -16.47
C GLY B 209 12.04 -9.34 -17.55
N ILE B 210 12.54 -8.48 -18.43
CA ILE B 210 11.71 -7.95 -19.51
C ILE B 210 12.50 -7.90 -20.81
N TYR B 211 11.90 -8.45 -21.86
CA TYR B 211 12.41 -8.26 -23.20
C TYR B 211 11.65 -7.12 -23.85
N HIS B 212 12.34 -6.23 -24.58
CA HIS B 212 11.61 -5.29 -25.40
C HIS B 212 12.41 -4.79 -26.60
N ASN B 213 11.70 -4.37 -27.65
CA ASN B 213 12.35 -3.67 -28.75
C ASN B 213 12.71 -2.26 -28.27
N ASP B 214 13.50 -1.52 -29.04
CA ASP B 214 14.03 -0.28 -28.48
C ASP B 214 12.97 0.80 -28.19
N ASN B 215 11.96 0.90 -29.04
CA ASN B 215 10.93 1.90 -28.82
C ASN B 215 9.80 1.40 -27.92
N LYS B 216 9.96 0.17 -27.44
CA LYS B 216 9.07 -0.41 -26.43
C LYS B 216 7.62 -0.50 -26.87
N THR B 217 7.43 -0.91 -28.12
CA THR B 217 6.10 -1.18 -28.65
C THR B 217 5.82 -2.67 -28.58
N PHE B 218 6.89 -3.44 -28.41
CA PHE B 218 6.78 -4.89 -28.23
C PHE B 218 7.59 -5.32 -27.01
N LEU B 219 6.93 -6.02 -26.09
CA LEU B 219 7.57 -6.39 -24.83
C LEU B 219 7.17 -7.80 -24.41
N VAL B 220 8.08 -8.50 -23.74
CA VAL B 220 7.75 -9.76 -23.09
C VAL B 220 8.18 -9.74 -21.63
N TRP B 221 7.23 -9.95 -20.72
CA TRP B 221 7.54 -10.08 -19.31
C TRP B 221 7.81 -11.54 -19.03
N VAL B 222 8.90 -11.79 -18.30
CA VAL B 222 9.31 -13.14 -17.95
C VAL B 222 9.16 -13.37 -16.44
N ASN B 223 8.29 -14.32 -16.10
CA ASN B 223 8.17 -14.84 -14.74
C ASN B 223 7.64 -13.87 -13.69
N GLU B 224 6.75 -12.98 -14.11
CA GLU B 224 5.95 -12.23 -13.15
C GLU B 224 4.79 -13.14 -12.75
N GLU B 225 3.55 -12.75 -13.06
CA GLU B 225 2.38 -13.54 -12.67
C GLU B 225 2.34 -14.82 -13.48
N ASP B 226 2.59 -14.70 -14.77
CA ASP B 226 2.68 -15.85 -15.67
C ASP B 226 4.10 -16.03 -16.17
N HIS B 227 4.40 -17.23 -16.67
CA HIS B 227 5.70 -17.47 -17.28
C HIS B 227 6.03 -16.40 -18.32
N LEU B 228 5.09 -16.13 -19.22
N LEU B 228 5.09 -16.14 -19.22
CA LEU B 228 5.26 -15.07 -20.20
CA LEU B 228 5.25 -15.07 -20.20
C LEU B 228 4.02 -14.20 -20.30
C LEU B 228 4.01 -14.19 -20.29
N ARG B 229 4.23 -12.89 -20.45
CA ARG B 229 3.19 -11.99 -20.93
C ARG B 229 3.76 -11.37 -22.20
N ILE B 230 3.01 -11.47 -23.28
CA ILE B 230 3.43 -10.96 -24.57
C ILE B 230 2.61 -9.70 -24.84
N ILE B 231 3.30 -8.58 -25.05
CA ILE B 231 2.68 -7.25 -24.99
C ILE B 231 2.96 -6.41 -26.22
N SER B 232 1.91 -5.82 -26.77
CA SER B 232 2.03 -4.82 -27.83
C SER B 232 1.34 -3.55 -27.38
N MET B 233 1.99 -2.40 -27.56
CA MET B 233 1.40 -1.15 -27.07
C MET B 233 2.02 0.06 -27.74
N GLN B 234 1.27 1.16 -27.78
CA GLN B 234 1.75 2.40 -28.40
C GLN B 234 0.84 3.57 -28.08
N MET B 235 1.37 4.77 -28.25
CA MET B 235 0.57 5.97 -28.07
C MET B 235 -0.48 6.06 -29.17
N GLY B 236 -1.59 6.69 -28.86
CA GLY B 236 -2.67 6.85 -29.82
C GLY B 236 -3.64 5.69 -29.76
N GLY B 237 -4.50 5.59 -30.77
CA GLY B 237 -5.60 4.67 -30.71
C GLY B 237 -5.63 3.60 -31.78
N ASP B 238 -4.52 3.39 -32.48
CA ASP B 238 -4.51 2.42 -33.59
C ASP B 238 -4.49 0.97 -33.09
N LEU B 239 -5.67 0.49 -32.72
CA LEU B 239 -5.82 -0.86 -32.19
C LEU B 239 -5.40 -1.91 -33.21
N GLY B 240 -5.68 -1.64 -34.50
CA GLY B 240 -5.27 -2.56 -35.56
C GLY B 240 -3.78 -2.78 -35.62
N GLN B 241 -3.02 -1.68 -35.52
CA GLN B 241 -1.57 -1.79 -35.57
C GLN B 241 -1.05 -2.49 -34.33
N VAL B 242 -1.63 -2.18 -33.18
CA VAL B 242 -1.24 -2.86 -31.94
C VAL B 242 -1.51 -4.35 -32.04
N PHE B 243 -2.70 -4.72 -32.52
CA PHE B 243 -3.08 -6.12 -32.60
C PHE B 243 -2.31 -6.90 -33.67
N ARG B 244 -2.10 -6.27 -34.82
CA ARG B 244 -1.22 -6.82 -35.86
C ARG B 244 0.15 -7.22 -35.29
N ARG B 245 0.76 -6.32 -34.54
CA ARG B 245 2.06 -6.57 -33.92
C ARG B 245 2.00 -7.71 -32.90
N LEU B 246 0.98 -7.70 -32.05
CA LEU B 246 0.83 -8.75 -31.03
C LEU B 246 0.73 -10.11 -31.68
N THR B 247 -0.14 -10.23 -32.69
CA THR B 247 -0.33 -11.51 -33.36
C THR B 247 0.92 -12.04 -34.05
N SER B 248 1.65 -11.16 -34.73
CA SER B 248 2.94 -11.55 -35.32
C SER B 248 3.90 -12.07 -34.25
N ALA B 249 4.00 -11.32 -33.15
CA ALA B 249 4.84 -11.70 -32.01
C ALA B 249 4.46 -13.08 -31.46
N VAL B 250 3.17 -13.27 -31.16
CA VAL B 250 2.70 -14.52 -30.58
C VAL B 250 3.06 -15.68 -31.52
N ASN B 251 2.80 -15.47 -32.81
CA ASN B 251 3.12 -16.49 -33.80
C ASN B 251 4.61 -16.85 -33.87
N GLU B 252 5.47 -15.83 -33.86
CA GLU B 252 6.90 -16.09 -33.93
C GLU B 252 7.42 -16.80 -32.67
N ILE B 253 6.95 -16.36 -31.51
CA ILE B 253 7.42 -16.95 -30.25
C ILE B 253 6.98 -18.41 -30.09
N GLU B 254 5.75 -18.73 -30.50
CA GLU B 254 5.24 -20.09 -30.41
C GLU B 254 6.11 -21.08 -31.20
N LYS B 255 6.84 -20.57 -32.19
CA LYS B 255 7.72 -21.41 -32.99
C LYS B 255 8.88 -21.96 -32.20
N ARG B 256 9.25 -21.27 -31.12
CA ARG B 256 10.44 -21.65 -30.38
C ARG B 256 10.16 -22.06 -28.95
N ILE B 257 9.00 -21.69 -28.43
CA ILE B 257 8.62 -22.07 -27.07
C ILE B 257 7.27 -22.77 -27.04
N PRO B 258 7.27 -24.07 -26.70
CA PRO B 258 6.03 -24.85 -26.57
C PRO B 258 5.19 -24.35 -25.40
N PHE B 259 3.94 -23.98 -25.66
CA PHE B 259 3.07 -23.44 -24.62
C PHE B 259 2.00 -24.43 -24.21
N SER B 260 1.58 -24.33 -22.95
CA SER B 260 0.56 -25.21 -22.39
C SER B 260 -0.84 -24.74 -22.74
N HIS B 261 -1.61 -25.66 -23.33
CA HIS B 261 -2.97 -25.39 -23.74
C HIS B 261 -3.86 -26.47 -23.16
N HIS B 262 -5.12 -26.11 -22.88
CA HIS B 262 -6.07 -27.01 -22.23
C HIS B 262 -7.30 -27.18 -23.13
N ASP B 263 -7.77 -28.41 -23.29
CA ASP B 263 -8.93 -28.65 -24.14
C ASP B 263 -10.15 -27.81 -23.78
N ARG B 264 -10.41 -27.68 -22.49
CA ARG B 264 -11.56 -26.93 -22.03
C ARG B 264 -11.22 -25.46 -21.75
N LEU B 265 -10.04 -25.22 -21.18
CA LEU B 265 -9.75 -23.91 -20.60
C LEU B 265 -8.89 -23.01 -21.50
N GLY B 266 -8.51 -23.50 -22.68
CA GLY B 266 -7.72 -22.70 -23.59
C GLY B 266 -6.28 -22.58 -23.11
N PHE B 267 -5.69 -21.39 -23.26
CA PHE B 267 -4.29 -21.28 -22.86
C PHE B 267 -4.20 -21.14 -21.36
N LEU B 268 -3.37 -21.97 -20.76
CA LEU B 268 -3.27 -22.00 -19.30
C LEU B 268 -2.53 -20.80 -18.72
N THR B 269 -3.10 -20.24 -17.66
CA THR B 269 -2.48 -19.13 -16.93
C THR B 269 -2.61 -19.38 -15.42
N PHE B 270 -1.96 -18.54 -14.63
CA PHE B 270 -1.86 -18.72 -13.19
C PHE B 270 -3.17 -18.31 -12.50
N CYS B 271 -3.76 -17.21 -12.96
CA CYS B 271 -5.06 -16.77 -12.45
C CYS B 271 -6.17 -17.20 -13.39
N PRO B 272 -7.30 -17.65 -12.82
CA PRO B 272 -8.40 -18.05 -13.70
C PRO B 272 -8.98 -16.88 -14.51
N THR B 273 -8.73 -15.62 -14.11
CA THR B 273 -9.21 -14.49 -14.90
C THR B 273 -8.50 -14.41 -16.23
N ASN B 274 -7.36 -15.09 -16.34
CA ASN B 274 -6.50 -14.94 -17.52
C ASN B 274 -6.50 -16.10 -18.50
N LEU B 275 -7.37 -17.08 -18.27
CA LEU B 275 -7.46 -18.26 -19.11
C LEU B 275 -8.08 -17.96 -20.47
N GLY B 276 -8.16 -19.00 -21.30
CA GLY B 276 -8.89 -18.89 -22.55
C GLY B 276 -8.12 -18.20 -23.65
N THR B 277 -8.52 -16.98 -23.99
CA THR B 277 -7.74 -16.19 -24.93
C THR B 277 -6.52 -15.58 -24.26
N THR B 278 -6.62 -15.40 -22.94
CA THR B 278 -5.61 -14.68 -22.14
C THR B 278 -5.53 -13.20 -22.52
N VAL B 279 -6.47 -12.72 -23.33
CA VAL B 279 -6.36 -11.37 -23.91
C VAL B 279 -6.87 -10.29 -22.96
N ARG B 280 -6.02 -9.30 -22.73
CA ARG B 280 -6.45 -8.05 -22.13
C ARG B 280 -6.06 -6.90 -23.06
N ALA B 281 -7.06 -6.38 -23.75
CA ALA B 281 -6.92 -5.26 -24.67
C ALA B 281 -7.40 -4.05 -23.90
N SER B 282 -6.57 -3.01 -23.83
CA SER B 282 -6.89 -1.87 -22.99
C SER B 282 -6.56 -0.55 -23.65
N VAL B 283 -7.23 0.51 -23.19
CA VAL B 283 -6.76 1.86 -23.47
C VAL B 283 -6.52 2.59 -22.17
N HIS B 284 -5.59 3.55 -22.22
CA HIS B 284 -5.52 4.59 -21.22
C HIS B 284 -6.31 5.75 -21.80
N ILE B 285 -7.40 6.11 -21.11
CA ILE B 285 -8.41 6.97 -21.69
C ILE B 285 -8.93 8.00 -20.68
N LYS B 286 -9.19 9.21 -21.16
CA LYS B 286 -9.78 10.26 -20.35
C LYS B 286 -11.24 10.46 -20.74
N LEU B 287 -12.14 10.34 -19.77
CA LEU B 287 -13.57 10.53 -19.98
C LEU B 287 -14.10 11.38 -18.84
N PRO B 288 -13.81 12.69 -18.87
CA PRO B 288 -14.05 13.57 -17.71
C PRO B 288 -15.52 13.64 -17.24
N LYS B 289 -16.47 13.53 -18.15
CA LYS B 289 -17.88 13.63 -17.78
C LYS B 289 -18.41 12.32 -17.20
N LEU B 290 -17.99 11.20 -17.79
CA LEU B 290 -18.40 9.89 -17.34
C LEU B 290 -17.76 9.61 -15.98
N ALA B 291 -16.59 10.21 -15.75
CA ALA B 291 -15.77 9.95 -14.56
C ALA B 291 -16.09 10.85 -13.37
N ALA B 292 -16.76 11.97 -13.62
CA ALA B 292 -17.04 12.95 -12.57
C ALA B 292 -17.80 12.31 -11.40
N ASN B 293 -18.59 11.29 -11.73
CA ASN B 293 -19.15 10.38 -10.76
C ASN B 293 -18.57 9.02 -11.09
N ARG B 294 -17.57 8.60 -10.33
CA ARG B 294 -16.85 7.35 -10.58
C ARG B 294 -17.78 6.14 -10.72
N GLU B 295 -18.80 6.07 -9.87
CA GLU B 295 -19.69 4.92 -9.88
C GLU B 295 -20.47 4.81 -11.19
N LYS B 296 -20.70 5.94 -11.84
CA LYS B 296 -21.38 5.94 -13.14
C LYS B 296 -20.49 5.31 -14.22
N LEU B 297 -19.23 5.76 -14.28
CA LEU B 297 -18.26 5.19 -15.22
C LEU B 297 -18.17 3.69 -15.07
N GLU B 298 -18.10 3.23 -13.82
CA GLU B 298 -18.07 1.80 -13.51
C GLU B 298 -19.31 1.11 -14.03
N GLU B 299 -20.45 1.75 -13.76
CA GLU B 299 -21.74 1.22 -14.16
C GLU B 299 -21.79 1.04 -15.68
N VAL B 300 -21.46 2.11 -16.39
CA VAL B 300 -21.50 2.09 -17.85
C VAL B 300 -20.47 1.12 -18.42
N ALA B 301 -19.27 1.10 -17.83
CA ALA B 301 -18.24 0.18 -18.31
C ALA B 301 -18.72 -1.26 -18.21
N GLY B 302 -19.24 -1.62 -17.03
CA GLY B 302 -19.78 -2.94 -16.79
C GLY B 302 -20.85 -3.35 -17.79
N LYS B 303 -21.66 -2.38 -18.23
CA LYS B 303 -22.69 -2.62 -19.24
C LYS B 303 -22.10 -3.19 -20.53
N TYR B 304 -20.91 -2.74 -20.89
CA TYR B 304 -20.25 -3.24 -22.10
C TYR B 304 -19.17 -4.28 -21.80
N ASN B 305 -19.25 -4.88 -20.60
CA ASN B 305 -18.30 -5.90 -20.16
C ASN B 305 -16.87 -5.39 -20.12
N LEU B 306 -16.71 -4.17 -19.65
CA LEU B 306 -15.39 -3.59 -19.51
C LEU B 306 -15.03 -3.44 -18.03
N GLN B 307 -13.73 -3.51 -17.75
CA GLN B 307 -13.23 -3.36 -16.39
C GLN B 307 -12.41 -2.08 -16.34
N VAL B 308 -12.51 -1.37 -15.23
CA VAL B 308 -11.80 -0.12 -15.04
C VAL B 308 -10.66 -0.30 -14.03
N ARG B 309 -9.45 0.04 -14.46
CA ARG B 309 -8.28 0.01 -13.60
C ARG B 309 -7.64 1.38 -13.51
N GLY B 310 -6.69 1.53 -12.60
CA GLY B 310 -5.92 2.77 -12.49
C GLY B 310 -4.80 2.88 -13.53
N THR B 311 -4.14 4.04 -13.54
CA THR B 311 -3.15 4.37 -14.55
C THR B 311 -1.93 3.45 -14.44
N ARG B 312 -1.62 3.07 -13.21
CA ARG B 312 -0.50 2.16 -12.99
C ARG B 312 -0.94 0.68 -12.95
N GLY B 313 -2.18 0.43 -13.37
CA GLY B 313 -2.69 -0.93 -13.44
C GLY B 313 -3.79 -1.19 -12.42
N GLU B 314 -4.21 -2.44 -12.30
CA GLU B 314 -5.17 -2.81 -11.26
C GLU B 314 -4.68 -2.40 -9.88
N HIS B 315 -5.62 -2.11 -8.97
CA HIS B 315 -5.28 -1.73 -7.60
C HIS B 315 -4.45 -0.45 -7.50
N THR B 316 -4.57 0.44 -8.48
CA THR B 316 -3.92 1.75 -8.40
C THR B 316 -4.89 2.86 -8.75
N GLU B 317 -4.48 4.09 -8.46
CA GLU B 317 -5.33 5.25 -8.67
C GLU B 317 -5.40 5.63 -10.13
N ALA B 318 -6.54 6.19 -10.56
CA ALA B 318 -6.60 6.90 -11.84
C ALA B 318 -6.01 8.28 -11.60
N GLU B 319 -4.81 8.49 -12.12
CA GLU B 319 -4.09 9.75 -11.91
C GLU B 319 -4.38 10.70 -13.05
N GLY B 320 -4.71 11.95 -12.72
CA GLY B 320 -4.98 12.98 -13.72
C GLY B 320 -6.06 12.57 -14.69
N GLY B 321 -7.03 11.79 -14.20
CA GLY B 321 -8.18 11.38 -14.99
C GLY B 321 -7.91 10.32 -16.04
N ILE B 322 -6.76 9.64 -15.95
CA ILE B 322 -6.41 8.61 -16.92
C ILE B 322 -6.78 7.22 -16.41
N TYR B 323 -7.79 6.63 -17.03
CA TYR B 323 -8.26 5.29 -16.66
C TYR B 323 -7.77 4.22 -17.61
N ASP B 324 -7.58 3.01 -17.08
CA ASP B 324 -7.27 1.83 -17.88
C ASP B 324 -8.59 1.10 -18.02
N ILE B 325 -9.12 1.02 -19.25
CA ILE B 325 -10.39 0.34 -19.52
C ILE B 325 -10.18 -0.77 -20.53
N SER B 326 -10.70 -1.96 -20.24
CA SER B 326 -10.32 -3.14 -21.00
C SER B 326 -11.43 -4.15 -20.95
N ASN B 327 -11.39 -5.14 -21.85
CA ASN B 327 -12.35 -6.24 -21.81
C ASN B 327 -12.11 -7.05 -20.54
N LYS B 328 -13.17 -7.37 -19.83
CA LYS B 328 -13.09 -8.15 -18.60
C LYS B 328 -12.95 -9.64 -18.89
N ARG B 329 -13.73 -10.15 -19.82
CA ARG B 329 -13.75 -11.60 -20.03
C ARG B 329 -12.73 -12.05 -21.05
N ARG B 330 -12.19 -13.25 -20.83
CA ARG B 330 -11.15 -13.80 -21.70
C ARG B 330 -11.48 -15.21 -22.17
N MET B 331 -12.52 -15.81 -21.59
CA MET B 331 -12.91 -17.17 -21.98
C MET B 331 -14.31 -17.20 -22.59
N GLY B 332 -14.52 -18.13 -23.52
CA GLY B 332 -15.83 -18.35 -24.11
C GLY B 332 -16.03 -17.51 -25.34
N LEU B 333 -14.93 -16.97 -25.84
CA LEU B 333 -14.94 -16.16 -27.04
C LEU B 333 -13.54 -16.20 -27.61
N THR B 334 -13.37 -15.90 -28.89
CA THR B 334 -12.04 -15.99 -29.50
C THR B 334 -11.20 -14.74 -29.23
N GLU B 335 -9.93 -14.82 -29.58
CA GLU B 335 -9.01 -13.69 -29.41
C GLU B 335 -9.53 -12.47 -30.15
N PHE B 336 -9.90 -12.67 -31.41
CA PHE B 336 -10.54 -11.63 -32.21
C PHE B 336 -11.71 -11.02 -31.46
N GLN B 337 -12.61 -11.86 -30.98
CA GLN B 337 -13.82 -11.38 -30.32
C GLN B 337 -13.54 -10.60 -29.04
N ALA B 338 -12.52 -11.04 -28.30
CA ALA B 338 -12.14 -10.36 -27.06
C ALA B 338 -11.63 -8.94 -27.36
N VAL B 339 -10.80 -8.82 -28.38
CA VAL B 339 -10.27 -7.51 -28.76
C VAL B 339 -11.41 -6.62 -29.26
N LYS B 340 -12.34 -7.19 -30.03
N LYS B 340 -12.34 -7.19 -30.03
CA LYS B 340 -13.44 -6.40 -30.56
CA LYS B 340 -13.44 -6.40 -30.56
C LYS B 340 -14.42 -5.94 -29.48
C LYS B 340 -14.42 -5.94 -29.48
N GLU B 341 -14.64 -6.79 -28.47
CA GLU B 341 -15.48 -6.41 -27.35
C GLU B 341 -14.90 -5.17 -26.65
N MET B 342 -13.57 -5.13 -26.52
CA MET B 342 -12.91 -3.92 -26.03
C MET B 342 -13.16 -2.74 -26.95
N GLN B 343 -12.88 -2.91 -28.24
CA GLN B 343 -13.02 -1.84 -29.22
C GLN B 343 -14.45 -1.28 -29.23
N ASP B 344 -15.43 -2.16 -29.32
CA ASP B 344 -16.80 -1.72 -29.40
C ASP B 344 -17.23 -1.01 -28.13
N GLY B 345 -16.76 -1.49 -26.99
CA GLY B 345 -17.08 -0.87 -25.71
C GLY B 345 -16.50 0.53 -25.58
N ILE B 346 -15.22 0.67 -25.96
CA ILE B 346 -14.53 1.96 -25.91
C ILE B 346 -15.19 2.97 -26.84
N LEU B 347 -15.52 2.51 -28.05
CA LEU B 347 -16.22 3.37 -29.00
C LEU B 347 -17.51 3.90 -28.39
N GLU B 348 -18.23 3.04 -27.69
CA GLU B 348 -19.51 3.40 -27.12
C GLU B 348 -19.34 4.36 -25.95
N LEU B 349 -18.33 4.12 -25.11
CA LEU B 349 -18.07 5.03 -23.99
C LEU B 349 -17.74 6.43 -24.47
N ILE B 350 -17.01 6.52 -25.56
CA ILE B 350 -16.62 7.81 -26.14
C ILE B 350 -17.86 8.51 -26.66
N LYS B 351 -18.77 7.74 -27.25
CA LYS B 351 -20.05 8.25 -27.75
C LYS B 351 -20.86 8.81 -26.58
N ILE B 352 -21.09 7.98 -25.57
CA ILE B 352 -21.77 8.38 -24.36
C ILE B 352 -21.14 9.63 -23.74
N GLU B 353 -19.82 9.66 -23.69
CA GLU B 353 -19.09 10.80 -23.13
C GLU B 353 -19.32 12.08 -23.93
N LYS B 354 -19.07 12.00 -25.25
CA LYS B 354 -19.27 13.14 -26.14
C LYS B 354 -20.66 13.75 -26.00
N GLU B 355 -21.60 12.98 -25.46
CA GLU B 355 -23.00 13.41 -25.39
C GLU B 355 -23.58 13.67 -23.99
N MET B 356 -22.72 13.90 -23.00
CA MET B 356 -23.15 14.28 -21.66
C MET B 356 -23.05 15.76 -21.32
PB ADP C . 1.95 6.45 15.17
O1B ADP C . 1.12 7.11 16.17
O2B ADP C . 1.12 5.99 14.02
O3B ADP C . 3.16 7.27 14.83
PA ADP C . 2.37 4.12 17.07
O1A ADP C . 1.47 4.72 18.09
O2A ADP C . 3.72 3.59 17.50
O3A ADP C . 2.64 5.09 15.78
O5' ADP C . 1.50 2.93 16.44
C5' ADP C . 0.20 3.18 15.89
C4' ADP C . -0.27 1.97 15.09
O4' ADP C . 0.49 1.89 13.87
C3' ADP C . -0.08 0.63 15.81
O3' ADP C . -1.34 -0.05 15.70
C2' ADP C . 0.97 -0.09 14.97
O2' ADP C . 0.81 -1.51 14.95
C1' ADP C . 0.73 0.52 13.61
N9 ADP C . 1.87 0.48 12.66
C8 ADP C . 2.96 1.27 12.66
N7 ADP C . 3.75 0.97 11.60
C5 ADP C . 3.16 -0.03 10.91
C6 ADP C . 3.45 -0.83 9.71
N6 ADP C . 4.58 -0.64 8.96
N1 ADP C . 2.54 -1.77 9.37
C2 ADP C . 1.44 -1.99 10.09
N3 ADP C . 1.09 -1.32 11.18
C4 ADP C . 1.92 -0.34 11.62
N ARG D . 5.67 11.34 25.78
CA ARG D . 6.23 10.03 25.44
C ARG D . 7.68 10.01 25.85
O ARG D . 8.22 11.05 26.21
CB ARG D . 6.12 9.76 23.93
CG ARG D . 6.87 10.75 23.02
CD ARG D . 6.95 10.21 21.58
NE ARG D . 5.73 9.49 21.19
CZ ARG D . 4.62 10.10 20.79
NH1 ARG D . 4.58 11.43 20.69
NH2 ARG D . 3.54 9.38 20.50
OXT ARG D . 8.35 8.95 25.87
N NO3 E . 3.67 8.60 17.83
O1 NO3 E . 3.19 7.42 18.32
O2 NO3 E . 5.01 8.65 17.60
O3 NO3 E . 2.84 9.67 17.59
MG MG F . 0.93 6.92 18.35
C1 BME G . -4.55 24.00 29.94
C2 BME G . -5.77 24.44 29.13
O1 BME G . -4.95 23.43 31.17
S2 BME G . -5.27 25.61 27.88
PB ADP H . -1.65 -6.69 -17.10
O1B ADP H . -0.90 -7.55 -16.19
O2B ADP H . -0.75 -6.24 -18.21
O3B ADP H . -2.93 -7.33 -17.57
PA ADP H . -1.92 -4.48 -15.01
O1A ADP H . -1.13 -5.21 -14.02
O2A ADP H . -3.22 -3.89 -14.55
O3A ADP H . -2.23 -5.32 -16.37
O5' ADP H . -0.98 -3.27 -15.47
C5' ADP H . 0.29 -3.62 -16.00
C4' ADP H . 0.90 -2.41 -16.68
O4' ADP H . 0.22 -2.17 -17.92
C3' ADP H . 0.81 -1.12 -15.89
O3' ADP H . 2.13 -0.56 -15.93
C2' ADP H . -0.14 -0.24 -16.69
O2' ADP H . 0.13 1.16 -16.58
C1' ADP H . 0.09 -0.77 -18.09
N9 ADP H . -1.01 -0.52 -19.06
C8 ADP H . -2.17 -1.19 -19.16
N7 ADP H . -2.91 -0.72 -20.18
C5 ADP H . -2.21 0.26 -20.78
C6 ADP H . -2.41 1.19 -21.91
N6 ADP H . -3.55 1.12 -22.62
N1 ADP H . -1.44 2.09 -22.17
C2 ADP H . -0.31 2.16 -21.45
N3 ADP H . -0.05 1.34 -20.41
C4 ADP H . -0.95 0.39 -20.04
N ARG I . -5.93 -12.30 -7.10
CA ARG I . -6.26 -10.90 -7.24
C ARG I . -7.69 -10.68 -6.77
O ARG I . -8.38 -11.64 -6.45
CB ARG I . -6.12 -10.46 -8.71
CG ARG I . -7.03 -11.22 -9.67
CD ARG I . -7.17 -10.52 -11.04
NE ARG I . -5.89 -9.92 -11.40
CZ ARG I . -4.86 -10.62 -11.85
NH1 ARG I . -4.94 -11.92 -12.04
NH2 ARG I . -3.72 -9.99 -12.09
OXT ARG I . -8.18 -9.55 -6.70
N NO3 J . -3.65 -8.90 -14.69
O1 NO3 J . -3.12 -7.76 -14.12
O2 NO3 J . -5.00 -8.96 -14.95
O3 NO3 J . -2.82 -9.99 -14.96
C1 BME K . 3.11 -26.31 -2.30
C2 BME K . 4.26 -26.58 -3.27
O1 BME K . 3.58 -25.88 -1.04
S2 BME K . 3.78 -26.62 -5.03
MG MG L . -0.80 -7.49 -13.96
#